data_5DMQ
#
_entry.id   5DMQ
#
_cell.length_a   92.653
_cell.length_b   92.653
_cell.length_c   289.949
_cell.angle_alpha   90.00
_cell.angle_beta   90.00
_cell.angle_gamma   120.00
#
_symmetry.space_group_name_H-M   'P 32 2 1'
#
loop_
_entity.id
_entity.type
_entity.pdbx_description
1 polymer 'Reverse transcriptase/ribonuclease H p80'
2 polymer 'Eukaryotic peptide chain release factor subunit 1'
#
loop_
_entity_poly.entity_id
_entity_poly.type
_entity_poly.pdbx_seq_one_letter_code
_entity_poly.pdbx_strand_id
1 'polypeptide(L)'
;TWLSDFPQAWAETGGMGLAVRQAPLIIPLKATSTPVSIKQYPMSQEARLGIKPHIQRLLDQGILVPCQSPWNTPLLPVKK
PGTNDYRPVQDLREVNKRVEDIHPTVPNPYNLLSGLPPSHQWYTVLDLKDAFFCLRLHPTSQPLFAFEWRDPEMGISGQL
TWTRLPQGFKNSPTLFDEALHRDLADFRIQHPDLILLQYVDDLLLAATSELDCQQGTRALLQTLGNLGYRASAKKAQICQ
KQVKYLGYLLKEGQRWLTEARKETVMGQPTPKTPRQLREFLGTAGFCRLWIPGFAEMAAPLYPLTKTGTLFNWGPDQQKA
YQEIKQALLTAPALGLPDLTKPFELFVDEKQGYAKGVLTQKLGPWRRPVAYLSKKLDPVAAGWPPCLRMVAAIAVLTKDA
GKLTMGQPLVILAPHAVEALVKQPPDRWLSNARMTHYQALLLDTDRVQFGPVVALNPATLLPLPEEGLQHNCLDILAEAH
GTRPDLTDQPLPDADHTWYTDGSSLLQEGQRKAGAAVTTETEVIWAKALPAGTSAQRAELIALTQALKMAEGKKLNVYTD
SRYAFATAHIHGEIYRRRGLLTSEGKEIKNKDEILALLKALFLPKRLSIIHCPGHQKGHSAEARGNRMADQAARKAAITE
TPDTSTLL
;
A
2 'polypeptide(L)'
;MADDPSAADRNVEIWKIKKLIKSLEAARGNGTSMISLIIPPKDQISRVAKMLADEFGTASNIKSRVNRLSVLGAITSVQQ
RLKLYNKVPPNGLVVYCGTIVTEEGKEKKVNIDFEPFKPINTSLYLCDNKFHTEALTALLSDDSKFGFIVIDGSGALFGT
LQGNTREVLHKFTVDLPKKHGRGGQSALRFARLRMEKRHNYVRKVAETAVQLFISGDKVNVAGLVLAGSADFKTELSQSD
MFDQRLQSKVLKLVDISYGGENGFNQAIELSTEVLSNVKFIQEKKLIGRYFDEISQDTGKYCFGVEDTLKALEMGAVEIL
IVYENLDIMRYVLHCQGTEEEKILYLTPEQEKDKSHFTDKETGQEHELIESMPLLEWFANNYKKFGATLEIVTDKSQEGS
QFVKGFGGIGGILRYRVDFQGMEYQGGDDEFFDLDDY
;
B
#
# COMPACT_ATOMS: atom_id res chain seq x y z
N THR A 1 -38.08 -35.42 25.87
CA THR A 1 -37.45 -36.73 26.22
C THR A 1 -36.07 -36.61 26.85
N TRP A 2 -35.28 -35.65 26.37
CA TRP A 2 -33.89 -35.47 26.83
C TRP A 2 -33.76 -35.27 28.33
N LEU A 3 -34.71 -34.54 28.92
CA LEU A 3 -34.72 -34.28 30.36
C LEU A 3 -35.04 -35.54 31.20
N SER A 4 -35.98 -36.35 30.72
CA SER A 4 -36.34 -37.60 31.39
C SER A 4 -35.24 -38.65 31.31
N ASP A 5 -34.55 -38.71 30.18
CA ASP A 5 -33.48 -39.68 29.95
C ASP A 5 -32.22 -39.45 30.78
N PHE A 6 -31.90 -38.19 31.07
CA PHE A 6 -30.72 -37.83 31.86
C PHE A 6 -31.12 -37.02 33.07
N PRO A 7 -31.71 -37.68 34.08
CA PRO A 7 -32.27 -36.90 35.18
C PRO A 7 -31.20 -36.12 35.96
N GLN A 8 -30.06 -36.78 36.19
CA GLN A 8 -28.97 -36.21 36.98
C GLN A 8 -28.17 -35.11 36.28
N ALA A 9 -28.07 -35.18 34.95
CA ALA A 9 -27.22 -34.25 34.19
C ALA A 9 -27.73 -32.81 34.12
N TRP A 10 -29.05 -32.64 34.16
CA TRP A 10 -29.69 -31.30 34.03
C TRP A 10 -29.96 -30.64 35.37
N ALA A 11 -29.62 -29.34 35.45
CA ALA A 11 -29.69 -28.61 36.72
C ALA A 11 -31.08 -28.52 37.35
N GLU A 12 -32.11 -28.55 36.50
CA GLU A 12 -33.48 -28.36 36.95
C GLU A 12 -34.05 -29.60 37.60
N THR A 13 -33.57 -30.77 37.16
CA THR A 13 -34.00 -32.07 37.70
C THR A 13 -32.94 -32.78 38.54
N GLY A 14 -31.67 -32.64 38.17
CA GLY A 14 -30.56 -33.26 38.90
C GLY A 14 -30.11 -32.57 40.18
N GLY A 15 -30.73 -31.44 40.53
CA GLY A 15 -30.40 -30.73 41.76
C GLY A 15 -29.07 -30.01 41.66
N MET A 16 -28.43 -29.81 42.81
CA MET A 16 -27.13 -29.13 42.87
C MET A 16 -26.00 -30.05 42.42
N GLY A 17 -24.94 -29.44 41.92
CA GLY A 17 -23.77 -30.16 41.46
C GLY A 17 -22.70 -30.33 42.52
N LEU A 18 -21.79 -31.28 42.26
CA LEU A 18 -20.69 -31.59 43.15
C LEU A 18 -19.71 -32.52 42.43
N ALA A 19 -18.54 -32.00 42.09
CA ALA A 19 -17.54 -32.73 41.30
C ALA A 19 -16.93 -33.82 42.14
N VAL A 20 -17.44 -35.03 41.99
CA VAL A 20 -17.12 -36.12 42.91
C VAL A 20 -15.69 -36.66 42.76
N ARG A 21 -15.07 -36.42 41.61
CA ARG A 21 -13.71 -36.89 41.38
C ARG A 21 -12.65 -35.85 41.76
N GLN A 22 -13.07 -34.67 42.23
CA GLN A 22 -12.14 -33.58 42.57
C GLN A 22 -11.99 -33.35 44.05
N ALA A 23 -10.76 -33.47 44.53
CA ALA A 23 -10.47 -33.31 45.94
C ALA A 23 -10.57 -31.84 46.32
N PRO A 24 -10.88 -31.55 47.60
CA PRO A 24 -10.97 -30.17 48.02
C PRO A 24 -9.67 -29.41 47.81
N LEU A 25 -9.80 -28.10 47.60
CA LEU A 25 -8.72 -27.28 47.09
C LEU A 25 -8.11 -26.43 48.18
N ILE A 26 -6.82 -26.63 48.42
CA ILE A 26 -6.03 -25.72 49.25
C ILE A 26 -5.60 -24.53 48.38
N ILE A 27 -5.53 -23.35 48.99
CA ILE A 27 -5.24 -22.10 48.27
C ILE A 27 -3.94 -21.49 48.80
N PRO A 28 -2.81 -21.72 48.09
CA PRO A 28 -1.54 -21.11 48.53
C PRO A 28 -1.58 -19.59 48.58
N LEU A 29 -0.99 -19.01 49.63
CA LEU A 29 -0.87 -17.56 49.82
C LEU A 29 0.57 -17.08 49.61
N LYS A 30 0.77 -15.76 49.54
CA LYS A 30 2.12 -15.18 49.52
C LYS A 30 2.67 -15.22 50.94
N ALA A 31 3.98 -15.39 51.05
CA ALA A 31 4.68 -15.38 52.36
C ALA A 31 4.31 -14.16 53.21
N THR A 32 4.18 -13.02 52.54
CA THR A 32 3.89 -11.74 53.20
C THR A 32 2.40 -11.43 53.44
N SER A 33 1.54 -12.43 53.26
CA SER A 33 0.10 -12.25 53.40
C SER A 33 -0.35 -12.53 54.81
N THR A 34 -1.33 -11.75 55.29
CA THR A 34 -1.95 -11.94 56.61
C THR A 34 -3.47 -11.78 56.56
N PRO A 35 -4.19 -12.28 57.59
CA PRO A 35 -5.64 -12.07 57.65
C PRO A 35 -6.07 -10.60 57.70
N VAL A 36 -7.05 -10.27 56.86
CA VAL A 36 -7.55 -8.91 56.72
C VAL A 36 -9.04 -8.94 57.04
N SER A 37 -9.44 -8.06 57.96
CA SER A 37 -10.81 -8.00 58.48
C SER A 37 -11.39 -6.64 58.11
N ILE A 38 -12.32 -6.62 57.16
CA ILE A 38 -12.93 -5.39 56.67
C ILE A 38 -14.29 -5.17 57.35
N LYS A 39 -14.54 -3.92 57.74
CA LYS A 39 -15.84 -3.49 58.23
C LYS A 39 -16.89 -3.81 57.18
N GLN A 40 -17.94 -4.55 57.54
CA GLN A 40 -19.02 -4.82 56.59
C GLN A 40 -19.82 -3.53 56.33
N TYR A 41 -20.23 -3.34 55.08
CA TYR A 41 -21.06 -2.19 54.69
C TYR A 41 -22.39 -2.17 55.44
N PRO A 42 -22.70 -1.07 56.15
CA PRO A 42 -24.03 -0.96 56.78
C PRO A 42 -25.17 -0.92 55.74
N MET A 43 -26.00 -1.97 55.75
CA MET A 43 -26.93 -2.23 54.65
C MET A 43 -28.37 -1.83 54.95
N SER A 44 -29.09 -1.46 53.90
CA SER A 44 -30.50 -1.08 53.99
C SER A 44 -31.35 -2.29 54.33
N GLN A 45 -32.45 -2.07 55.03
CA GLN A 45 -33.39 -3.14 55.35
C GLN A 45 -34.14 -3.64 54.11
N GLU A 46 -34.47 -2.70 53.22
CA GLU A 46 -35.04 -3.02 51.91
C GLU A 46 -34.17 -3.96 51.09
N ALA A 47 -32.84 -3.80 51.21
CA ALA A 47 -31.86 -4.63 50.52
C ALA A 47 -31.59 -5.95 51.26
N ARG A 48 -31.27 -5.81 52.56
CA ARG A 48 -30.94 -6.95 53.42
C ARG A 48 -32.02 -8.04 53.42
N LEU A 49 -33.28 -7.63 53.51
CA LEU A 49 -34.42 -8.55 53.46
C LEU A 49 -34.58 -9.21 52.08
N GLY A 50 -34.26 -8.46 51.03
CA GLY A 50 -34.26 -8.97 49.66
C GLY A 50 -33.17 -10.00 49.37
N ILE A 51 -32.06 -9.91 50.08
CA ILE A 51 -30.95 -10.87 49.95
C ILE A 51 -31.24 -12.21 50.63
N LYS A 52 -31.84 -12.17 51.82
CA LYS A 52 -31.93 -13.33 52.72
C LYS A 52 -32.34 -14.69 52.12
N PRO A 53 -33.36 -14.74 51.23
CA PRO A 53 -33.75 -16.04 50.67
C PRO A 53 -32.68 -16.71 49.80
N HIS A 54 -31.83 -15.92 49.15
CA HIS A 54 -30.69 -16.47 48.39
C HIS A 54 -29.62 -17.07 49.27
N ILE A 55 -29.33 -16.38 50.36
CA ILE A 55 -28.37 -16.88 51.34
C ILE A 55 -28.96 -18.08 52.09
N GLN A 56 -30.24 -18.00 52.43
CA GLN A 56 -30.95 -19.09 53.11
C GLN A 56 -30.90 -20.41 52.34
N ARG A 57 -31.07 -20.34 51.02
CA ARG A 57 -31.01 -21.51 50.14
C ARG A 57 -29.61 -22.12 50.06
N LEU A 58 -28.57 -21.30 50.19
CA LEU A 58 -27.19 -21.81 50.21
C LEU A 58 -26.87 -22.54 51.50
N LEU A 59 -27.28 -21.99 52.62
CA LEU A 59 -27.12 -22.66 53.91
C LEU A 59 -27.77 -24.04 53.91
N ASP A 60 -29.02 -24.12 53.43
CA ASP A 60 -29.78 -25.38 53.36
C ASP A 60 -29.11 -26.40 52.45
N GLN A 61 -28.39 -25.91 51.43
CA GLN A 61 -27.56 -26.75 50.55
C GLN A 61 -26.15 -27.03 51.12
N GLY A 62 -25.88 -26.61 52.36
CA GLY A 62 -24.58 -26.84 53.01
C GLY A 62 -23.39 -26.08 52.46
N ILE A 63 -23.65 -25.12 51.55
CA ILE A 63 -22.61 -24.47 50.75
C ILE A 63 -21.91 -23.39 51.57
N LEU A 64 -22.74 -22.55 52.19
CA LEU A 64 -22.28 -21.60 53.21
C LEU A 64 -22.35 -22.28 54.55
N VAL A 65 -21.48 -21.87 55.46
CA VAL A 65 -21.48 -22.38 56.83
C VAL A 65 -21.01 -21.32 57.81
N PRO A 66 -21.47 -21.39 59.08
CA PRO A 66 -20.98 -20.45 60.11
C PRO A 66 -19.54 -20.68 60.50
N CYS A 67 -18.83 -19.60 60.83
CA CYS A 67 -17.45 -19.69 61.31
C CYS A 67 -17.07 -18.50 62.17
N GLN A 68 -15.82 -18.54 62.64
CA GLN A 68 -15.24 -17.49 63.46
C GLN A 68 -13.81 -17.21 63.00
N SER A 69 -13.71 -16.43 61.92
CA SER A 69 -12.45 -16.16 61.24
C SER A 69 -11.83 -14.80 61.62
N PRO A 70 -10.49 -14.70 61.57
CA PRO A 70 -9.81 -13.40 61.59
C PRO A 70 -9.80 -12.69 60.23
N TRP A 71 -10.17 -13.41 59.18
CA TRP A 71 -10.44 -12.79 57.88
C TRP A 71 -11.86 -12.30 57.91
N ASN A 72 -12.13 -11.25 57.15
CA ASN A 72 -13.49 -10.85 56.85
C ASN A 72 -13.46 -10.05 55.56
N THR A 73 -14.61 -10.02 54.89
CA THR A 73 -14.83 -9.15 53.75
C THR A 73 -16.30 -8.66 53.78
N PRO A 74 -16.62 -7.64 52.96
CA PRO A 74 -17.95 -7.05 53.04
C PRO A 74 -19.03 -7.85 52.32
N LEU A 75 -20.23 -7.29 52.25
CA LEU A 75 -21.32 -7.86 51.46
C LEU A 75 -22.06 -6.74 50.73
N LEU A 76 -21.91 -6.71 49.41
CA LEU A 76 -22.51 -5.69 48.55
C LEU A 76 -23.83 -6.17 47.97
N PRO A 77 -24.91 -5.41 48.19
CA PRO A 77 -26.19 -5.70 47.53
C PRO A 77 -26.20 -5.20 46.09
N VAL A 78 -27.01 -5.83 45.24
CA VAL A 78 -27.08 -5.46 43.82
C VAL A 78 -28.48 -5.64 43.26
N LYS A 79 -29.03 -4.56 42.70
CA LYS A 79 -30.31 -4.57 41.97
C LYS A 79 -31.50 -5.03 42.82
N THR A 83 -36.15 -2.37 39.01
CA THR A 83 -36.61 -3.53 39.75
C THR A 83 -35.86 -3.66 41.09
N ASN A 84 -36.57 -4.10 42.12
CA ASN A 84 -36.03 -4.28 43.49
C ASN A 84 -35.88 -5.76 43.86
N ASP A 85 -34.85 -6.40 43.30
CA ASP A 85 -34.52 -7.80 43.63
C ASP A 85 -33.03 -7.89 43.96
N TYR A 86 -32.74 -7.60 45.22
CA TYR A 86 -31.37 -7.47 45.71
C TYR A 86 -30.73 -8.82 45.94
N ARG A 87 -29.69 -9.12 45.16
CA ARG A 87 -28.91 -10.33 45.33
C ARG A 87 -27.53 -9.95 45.88
N PRO A 88 -26.81 -10.92 46.50
CA PRO A 88 -25.55 -10.59 47.17
C PRO A 88 -24.29 -10.68 46.29
N VAL A 89 -23.30 -9.85 46.64
CA VAL A 89 -21.94 -9.94 46.08
C VAL A 89 -20.94 -9.69 47.21
N GLN A 90 -19.75 -10.29 47.14
CA GLN A 90 -18.77 -10.25 48.24
C GLN A 90 -17.71 -9.18 48.11
N ASP A 91 -17.12 -9.05 46.92
CA ASP A 91 -15.91 -8.24 46.69
C ASP A 91 -14.72 -8.82 47.45
N LEU A 92 -13.86 -9.51 46.72
CA LEU A 92 -12.72 -10.23 47.26
C LEU A 92 -11.39 -9.65 46.76
N ARG A 93 -11.34 -8.33 46.53
CA ARG A 93 -10.13 -7.67 46.05
C ARG A 93 -8.99 -7.80 47.05
N GLU A 94 -9.28 -7.53 48.31
CA GLU A 94 -8.26 -7.52 49.37
C GLU A 94 -7.67 -8.92 49.63
N VAL A 95 -8.44 -9.95 49.32
CA VAL A 95 -7.95 -11.33 49.31
C VAL A 95 -7.13 -11.57 48.05
N ASN A 96 -7.73 -11.32 46.89
CA ASN A 96 -7.06 -11.51 45.58
C ASN A 96 -5.70 -10.79 45.42
N LYS A 97 -5.51 -9.67 46.12
CA LYS A 97 -4.19 -9.06 46.26
C LYS A 97 -3.25 -10.02 46.99
N ARG A 98 -3.66 -10.45 48.17
CA ARG A 98 -2.83 -11.28 49.06
C ARG A 98 -2.57 -12.72 48.61
N VAL A 99 -3.38 -13.25 47.68
CA VAL A 99 -3.26 -14.65 47.24
C VAL A 99 -2.14 -14.81 46.21
N GLU A 100 -1.45 -15.96 46.26
CA GLU A 100 -0.42 -16.32 45.28
C GLU A 100 -1.08 -16.56 43.92
N ASP A 101 -0.59 -15.87 42.90
CA ASP A 101 -1.10 -16.05 41.54
C ASP A 101 -0.70 -17.39 40.99
N ILE A 102 -1.54 -17.93 40.12
CA ILE A 102 -1.17 -19.08 39.31
C ILE A 102 -1.17 -18.64 37.85
N HIS A 103 -0.46 -19.40 37.02
CA HIS A 103 -0.35 -19.09 35.60
C HIS A 103 -1.61 -19.50 34.85
N PRO A 104 -2.31 -18.54 34.19
CA PRO A 104 -3.42 -18.95 33.33
C PRO A 104 -2.92 -19.71 32.09
N THR A 105 -2.83 -21.03 32.23
CA THR A 105 -2.44 -21.94 31.13
C THR A 105 -3.43 -21.94 29.95
N VAL A 106 -4.67 -21.50 30.23
CA VAL A 106 -5.72 -21.17 29.24
C VAL A 106 -5.24 -20.35 27.99
N PRO A 107 -5.30 -20.94 26.75
CA PRO A 107 -5.04 -20.18 25.49
C PRO A 107 -6.30 -19.52 24.90
N ASN A 108 -6.16 -18.30 24.38
CA ASN A 108 -7.31 -17.45 23.96
C ASN A 108 -8.41 -18.14 23.14
N PRO A 109 -9.71 -17.79 23.38
CA PRO A 109 -10.90 -18.39 22.75
C PRO A 109 -10.78 -18.73 21.27
N TYR A 110 -10.23 -17.80 20.48
CA TYR A 110 -10.12 -18.00 19.05
C TYR A 110 -9.23 -19.19 18.71
N ASN A 111 -8.00 -19.15 19.22
CA ASN A 111 -7.00 -20.17 18.91
C ASN A 111 -7.27 -21.51 19.60
N LEU A 112 -8.17 -21.49 20.59
CA LEU A 112 -8.86 -22.69 21.07
C LEU A 112 -9.76 -23.23 19.94
N LEU A 113 -10.62 -22.37 19.39
CA LEU A 113 -11.45 -22.72 18.22
C LEU A 113 -10.64 -23.12 16.98
N SER A 114 -9.43 -22.58 16.84
CA SER A 114 -8.51 -22.97 15.76
C SER A 114 -8.11 -24.46 15.80
N GLY A 115 -8.28 -25.09 16.95
CA GLY A 115 -8.28 -26.54 17.03
C GLY A 115 -9.57 -27.22 16.58
N LEU A 116 -10.37 -26.59 15.70
CA LEU A 116 -11.56 -27.21 15.12
C LEU A 116 -11.37 -27.46 13.62
N PRO A 117 -11.86 -28.62 13.12
CA PRO A 117 -12.00 -28.88 11.69
C PRO A 117 -13.44 -28.74 11.16
N PRO A 118 -13.60 -28.40 9.87
CA PRO A 118 -14.93 -28.36 9.25
C PRO A 118 -15.45 -29.73 8.80
N SER A 119 -14.65 -30.77 8.99
CA SER A 119 -15.08 -32.16 8.78
C SER A 119 -16.28 -32.53 9.65
N HIS A 120 -16.33 -31.93 10.83
CA HIS A 120 -17.43 -32.12 11.74
C HIS A 120 -18.26 -30.84 11.69
N GLN A 121 -19.48 -30.95 11.14
CA GLN A 121 -20.40 -29.81 11.00
C GLN A 121 -21.68 -29.95 11.84
N TRP A 122 -21.79 -31.05 12.59
CA TRP A 122 -22.86 -31.25 13.57
C TRP A 122 -22.36 -30.95 14.98
N TYR A 123 -22.97 -29.94 15.60
CA TYR A 123 -22.48 -29.40 16.86
C TYR A 123 -23.46 -29.72 17.99
N THR A 124 -23.01 -29.42 19.22
CA THR A 124 -23.84 -29.57 20.44
C THR A 124 -23.20 -28.75 21.59
N VAL A 125 -23.82 -27.64 21.96
CA VAL A 125 -23.23 -26.72 22.96
C VAL A 125 -23.94 -26.84 24.29
N LEU A 126 -23.16 -26.79 25.36
CA LEU A 126 -23.67 -26.74 26.71
C LEU A 126 -23.01 -25.62 27.48
N ASP A 127 -23.60 -25.27 28.63
CA ASP A 127 -22.92 -24.48 29.63
C ASP A 127 -23.39 -24.97 30.97
N LEU A 128 -22.51 -24.85 31.96
CA LEU A 128 -22.75 -25.42 33.28
C LEU A 128 -23.23 -24.34 34.24
N LYS A 129 -24.35 -24.60 34.91
CA LYS A 129 -24.92 -23.66 35.86
C LYS A 129 -24.23 -23.79 37.21
N ASP A 130 -23.93 -22.64 37.83
CA ASP A 130 -23.26 -22.56 39.14
C ASP A 130 -22.03 -23.48 39.22
N ALA A 131 -21.22 -23.39 38.17
CA ALA A 131 -20.12 -24.32 37.92
C ALA A 131 -19.16 -24.38 39.09
N PHE A 132 -18.58 -23.22 39.40
CA PHE A 132 -17.51 -23.12 40.38
C PHE A 132 -17.86 -23.77 41.73
N PHE A 133 -19.13 -23.67 42.11
CA PHE A 133 -19.60 -24.28 43.36
C PHE A 133 -19.49 -25.79 43.45
N CYS A 134 -19.31 -26.49 42.33
CA CYS A 134 -19.11 -27.94 42.34
C CYS A 134 -17.73 -28.40 42.86
N LEU A 135 -16.77 -27.47 42.96
CA LEU A 135 -15.46 -27.76 43.52
C LEU A 135 -15.39 -27.40 44.98
N ARG A 136 -14.97 -28.35 45.81
CA ARG A 136 -14.96 -28.17 47.25
C ARG A 136 -13.74 -27.37 47.72
N LEU A 137 -13.82 -26.86 48.93
CA LEU A 137 -12.78 -26.02 49.50
C LEU A 137 -12.28 -26.73 50.74
N HIS A 138 -10.97 -26.95 50.79
CA HIS A 138 -10.37 -27.64 51.93
C HIS A 138 -10.52 -26.77 53.17
N PRO A 139 -10.93 -27.36 54.30
CA PRO A 139 -11.13 -26.60 55.53
C PRO A 139 -10.02 -25.63 55.91
N THR A 140 -8.77 -25.91 55.52
CA THR A 140 -7.65 -24.98 55.70
C THR A 140 -7.91 -23.65 55.04
N SER A 141 -8.50 -23.70 53.85
CA SER A 141 -8.78 -22.50 53.08
C SER A 141 -10.11 -21.83 53.39
N GLN A 142 -11.06 -22.56 53.94
CA GLN A 142 -12.40 -22.00 54.17
C GLN A 142 -12.40 -20.64 54.89
N PRO A 143 -11.66 -20.49 56.02
CA PRO A 143 -11.69 -19.22 56.79
C PRO A 143 -11.36 -17.98 55.98
N LEU A 144 -10.45 -18.12 55.02
CA LEU A 144 -10.07 -17.03 54.12
C LEU A 144 -11.25 -16.15 53.67
N PHE A 145 -12.30 -16.80 53.16
CA PHE A 145 -13.41 -16.13 52.47
C PHE A 145 -14.56 -15.74 53.40
N ALA A 146 -14.22 -15.33 54.62
CA ALA A 146 -15.24 -15.02 55.60
C ALA A 146 -15.87 -13.68 55.31
N PHE A 147 -17.11 -13.54 55.73
CA PHE A 147 -17.84 -12.28 55.67
C PHE A 147 -18.89 -12.23 56.75
N GLU A 148 -19.14 -11.02 57.23
CA GLU A 148 -20.10 -10.80 58.30
C GLU A 148 -21.51 -10.77 57.70
N TRP A 149 -22.49 -11.21 58.48
CA TRP A 149 -23.90 -11.02 58.16
C TRP A 149 -24.61 -10.58 59.42
N ARG A 150 -25.75 -9.90 59.23
CA ARG A 150 -26.61 -9.42 60.33
C ARG A 150 -28.10 -9.58 60.00
N ASP A 151 -28.93 -9.65 61.06
CA ASP A 151 -30.35 -9.28 60.99
C ASP A 151 -30.62 -8.22 62.08
N PRO A 152 -30.75 -6.92 61.70
CA PRO A 152 -31.12 -5.85 62.67
C PRO A 152 -32.54 -5.87 63.28
N GLU A 153 -33.41 -6.78 62.80
CA GLU A 153 -34.70 -7.10 63.46
C GLU A 153 -34.67 -8.45 64.18
N MET A 154 -33.47 -9.02 64.36
CA MET A 154 -33.26 -10.31 65.05
C MET A 154 -31.94 -10.47 65.87
N GLY A 155 -31.06 -9.47 65.88
CA GLY A 155 -29.79 -9.51 66.66
C GLY A 155 -28.68 -10.42 66.13
N ILE A 156 -28.82 -10.88 64.89
CA ILE A 156 -28.05 -12.01 64.35
C ILE A 156 -26.78 -11.50 63.61
N SER A 157 -25.87 -10.84 64.34
CA SER A 157 -24.69 -10.19 63.74
C SER A 157 -23.41 -11.06 63.76
N GLY A 158 -23.32 -12.03 62.85
CA GLY A 158 -22.26 -13.06 62.89
C GLY A 158 -21.60 -13.40 61.58
N GLN A 159 -20.57 -14.27 61.66
CA GLN A 159 -19.69 -14.62 60.52
C GLN A 159 -20.04 -15.93 59.82
N LEU A 160 -19.96 -15.90 58.48
CA LEU A 160 -20.17 -17.07 57.64
C LEU A 160 -19.01 -17.23 56.67
N THR A 161 -18.93 -18.41 56.05
CA THR A 161 -17.95 -18.67 54.98
C THR A 161 -18.33 -19.86 54.08
N TRP A 162 -17.52 -20.09 53.05
CA TRP A 162 -17.81 -21.08 51.99
C TRP A 162 -17.17 -22.44 52.24
N THR A 163 -17.93 -23.50 51.97
CA THR A 163 -17.41 -24.86 51.89
C THR A 163 -17.00 -25.21 50.46
N ARG A 164 -17.60 -24.54 49.48
CA ARG A 164 -17.25 -24.72 48.08
C ARG A 164 -16.37 -23.56 47.60
N LEU A 165 -16.01 -23.61 46.33
CA LEU A 165 -15.23 -22.57 45.70
C LEU A 165 -16.14 -21.37 45.43
N PRO A 166 -15.77 -20.16 45.90
CA PRO A 166 -16.70 -19.02 45.77
C PRO A 166 -16.80 -18.46 44.36
N GLN A 167 -17.52 -17.35 44.21
CA GLN A 167 -17.67 -16.65 42.93
C GLN A 167 -17.09 -15.23 43.06
N GLY A 168 -15.96 -14.99 42.38
CA GLY A 168 -15.18 -13.74 42.51
C GLY A 168 -13.70 -13.89 42.84
N PHE A 169 -13.33 -15.03 43.40
CA PHE A 169 -11.93 -15.40 43.62
C PHE A 169 -11.21 -15.53 42.28
N LYS A 170 -10.02 -14.94 42.19
CA LYS A 170 -9.38 -14.70 40.90
C LYS A 170 -9.08 -15.99 40.13
N ASN A 171 -8.54 -16.99 40.81
CA ASN A 171 -8.07 -18.21 40.14
C ASN A 171 -9.13 -19.26 39.78
N SER A 172 -10.37 -19.07 40.24
CA SER A 172 -11.47 -20.03 40.00
C SER A 172 -11.67 -20.52 38.56
N PRO A 173 -11.68 -19.61 37.57
CA PRO A 173 -11.84 -20.09 36.21
C PRO A 173 -10.75 -21.07 35.81
N THR A 174 -9.50 -20.70 36.08
CA THR A 174 -8.34 -21.53 35.75
C THR A 174 -8.39 -22.87 36.48
N LEU A 175 -8.61 -22.81 37.78
CA LEU A 175 -8.74 -23.99 38.65
C LEU A 175 -9.86 -24.92 38.25
N PHE A 176 -10.97 -24.34 37.81
CA PHE A 176 -12.06 -25.11 37.24
C PHE A 176 -11.61 -25.77 35.94
N ASP A 177 -10.96 -25.00 35.07
CA ASP A 177 -10.57 -25.46 33.74
C ASP A 177 -9.70 -26.72 33.82
N GLU A 178 -8.65 -26.66 34.65
CA GLU A 178 -7.74 -27.80 34.87
C GLU A 178 -8.54 -29.02 35.29
N ALA A 179 -9.38 -28.82 36.31
CA ALA A 179 -10.20 -29.87 36.90
C ALA A 179 -11.09 -30.51 35.86
N LEU A 180 -11.80 -29.67 35.11
CA LEU A 180 -12.67 -30.20 34.08
C LEU A 180 -11.84 -30.94 33.03
N HIS A 181 -10.78 -30.30 32.55
CA HIS A 181 -9.88 -30.92 31.57
C HIS A 181 -9.56 -32.35 31.99
N ARG A 182 -9.07 -32.49 33.22
CA ARG A 182 -8.73 -33.81 33.77
C ARG A 182 -9.92 -34.76 33.75
N ASP A 183 -11.08 -34.30 34.24
CA ASP A 183 -12.28 -35.13 34.28
C ASP A 183 -12.70 -35.63 32.91
N LEU A 184 -12.51 -34.80 31.88
CA LEU A 184 -12.92 -35.15 30.52
C LEU A 184 -11.86 -35.83 29.67
N ALA A 185 -10.60 -35.83 30.11
CA ALA A 185 -9.55 -36.60 29.43
C ALA A 185 -9.94 -38.08 29.31
N ASP A 186 -10.63 -38.60 30.32
CA ASP A 186 -11.22 -39.94 30.30
C ASP A 186 -12.17 -40.09 29.11
N PHE A 187 -13.07 -39.12 28.96
CA PHE A 187 -14.03 -39.09 27.85
C PHE A 187 -13.39 -38.89 26.47
N ARG A 188 -12.34 -38.08 26.42
CA ARG A 188 -11.58 -37.87 25.17
C ARG A 188 -10.91 -39.15 24.68
N ILE A 189 -10.28 -39.86 25.60
CA ILE A 189 -9.59 -41.13 25.29
C ILE A 189 -10.56 -42.16 24.73
N GLN A 190 -11.66 -42.42 25.43
CA GLN A 190 -12.66 -43.44 25.02
C GLN A 190 -13.61 -43.00 23.89
N HIS A 191 -13.57 -41.71 23.52
CA HIS A 191 -14.23 -41.20 22.31
C HIS A 191 -13.25 -40.41 21.45
N PRO A 192 -12.51 -41.10 20.56
CA PRO A 192 -11.88 -40.42 19.42
C PRO A 192 -12.92 -40.18 18.32
N ASP A 193 -12.47 -39.67 17.18
CA ASP A 193 -13.35 -39.24 16.05
C ASP A 193 -14.08 -37.93 16.34
N LEU A 194 -14.67 -37.79 17.53
CA LEU A 194 -15.33 -36.56 17.96
C LEU A 194 -14.28 -35.54 18.33
N ILE A 195 -14.69 -34.28 18.29
CA ILE A 195 -13.89 -33.18 18.77
C ILE A 195 -14.64 -32.60 19.95
N LEU A 196 -13.90 -32.20 20.97
CA LEU A 196 -14.44 -31.60 22.18
C LEU A 196 -13.68 -30.32 22.47
N LEU A 197 -14.41 -29.23 22.74
CA LEU A 197 -13.80 -27.96 23.06
C LEU A 197 -14.37 -27.41 24.34
N GLN A 198 -13.48 -27.05 25.26
CA GLN A 198 -13.85 -26.49 26.55
C GLN A 198 -13.06 -25.23 26.87
N TYR A 199 -13.74 -24.31 27.55
CA TYR A 199 -13.08 -23.18 28.14
C TYR A 199 -13.89 -22.82 29.36
N VAL A 200 -13.37 -23.24 30.52
CA VAL A 200 -14.00 -22.99 31.81
C VAL A 200 -15.37 -23.67 31.80
N ASP A 201 -16.47 -22.91 31.77
CA ASP A 201 -17.83 -23.44 32.02
C ASP A 201 -18.66 -23.64 30.75
N ASP A 202 -18.00 -23.63 29.59
CA ASP A 202 -18.66 -23.80 28.29
C ASP A 202 -18.05 -25.01 27.57
N LEU A 203 -18.91 -25.81 26.92
CA LEU A 203 -18.54 -27.02 26.20
C LEU A 203 -19.13 -27.05 24.79
N LEU A 204 -18.35 -27.55 23.82
CA LEU A 204 -18.81 -27.73 22.45
C LEU A 204 -18.41 -29.09 21.92
N LEU A 205 -19.40 -29.92 21.58
CA LEU A 205 -19.16 -31.26 21.06
C LEU A 205 -19.44 -31.32 19.56
N ALA A 206 -18.38 -31.49 18.76
CA ALA A 206 -18.47 -31.57 17.30
C ALA A 206 -18.48 -33.02 16.81
N ALA A 207 -19.35 -33.31 15.83
CA ALA A 207 -19.53 -34.65 15.25
C ALA A 207 -19.70 -34.62 13.73
N THR A 208 -19.57 -35.79 13.10
CA THR A 208 -19.60 -35.91 11.64
C THR A 208 -21.03 -35.96 11.10
N SER A 209 -21.80 -36.94 11.58
CA SER A 209 -23.21 -37.07 11.21
C SER A 209 -24.07 -36.66 12.40
N GLU A 210 -25.39 -36.62 12.21
CA GLU A 210 -26.31 -36.40 13.33
C GLU A 210 -26.33 -37.59 14.29
N LEU A 211 -26.13 -38.80 13.74
CA LEU A 211 -26.10 -40.03 14.55
C LEU A 211 -24.91 -40.02 15.52
N ASP A 212 -23.73 -39.70 15.01
CA ASP A 212 -22.51 -39.61 15.83
C ASP A 212 -22.65 -38.59 16.98
N CYS A 213 -23.31 -37.47 16.70
CA CYS A 213 -23.54 -36.41 17.69
C CYS A 213 -24.48 -36.84 18.81
N GLN A 214 -25.62 -37.43 18.42
CA GLN A 214 -26.61 -37.88 19.38
C GLN A 214 -26.03 -38.89 20.37
N GLN A 215 -25.29 -39.87 19.86
CA GLN A 215 -24.61 -40.86 20.71
C GLN A 215 -23.52 -40.24 21.60
N GLY A 216 -22.73 -39.34 21.01
CA GLY A 216 -21.70 -38.61 21.74
C GLY A 216 -22.26 -37.71 22.83
N THR A 217 -23.32 -36.97 22.49
CA THR A 217 -24.04 -36.12 23.44
C THR A 217 -24.54 -36.94 24.62
N ARG A 218 -25.22 -38.05 24.32
CA ARG A 218 -25.71 -38.97 25.35
C ARG A 218 -24.58 -39.45 26.25
N ALA A 219 -23.50 -39.91 25.62
CA ALA A 219 -22.30 -40.33 26.36
C ALA A 219 -21.82 -39.21 27.25
N LEU A 220 -21.66 -38.03 26.66
CA LEU A 220 -21.11 -36.87 27.36
C LEU A 220 -21.97 -36.46 28.56
N LEU A 221 -23.28 -36.42 28.39
CA LEU A 221 -24.21 -36.09 29.48
C LEU A 221 -24.13 -37.11 30.60
N GLN A 222 -24.22 -38.39 30.23
CA GLN A 222 -24.10 -39.50 31.19
C GLN A 222 -22.85 -39.35 32.06
N THR A 223 -21.74 -38.97 31.43
CA THR A 223 -20.47 -38.69 32.14
C THR A 223 -20.59 -37.53 33.12
N LEU A 224 -21.16 -36.42 32.67
CA LEU A 224 -21.28 -35.21 33.50
C LEU A 224 -22.03 -35.48 34.81
N GLY A 225 -23.11 -36.24 34.71
CA GLY A 225 -23.87 -36.70 35.88
C GLY A 225 -23.05 -37.61 36.77
N ASN A 226 -22.31 -38.55 36.17
CA ASN A 226 -21.39 -39.42 36.90
C ASN A 226 -20.35 -38.61 37.66
N LEU A 227 -19.76 -37.63 36.98
CA LEU A 227 -18.75 -36.72 37.58
C LEU A 227 -19.35 -35.77 38.61
N GLY A 228 -20.62 -35.42 38.40
CA GLY A 228 -21.38 -34.57 39.32
C GLY A 228 -21.41 -33.09 38.95
N TYR A 229 -21.14 -32.76 37.68
CA TYR A 229 -21.38 -31.43 37.15
C TYR A 229 -22.79 -31.39 36.59
N ARG A 230 -23.40 -30.21 36.62
CA ARG A 230 -24.80 -30.03 36.21
C ARG A 230 -24.89 -29.05 35.04
N ALA A 231 -25.50 -29.49 33.95
CA ALA A 231 -25.65 -28.69 32.74
C ALA A 231 -26.99 -27.96 32.69
N SER A 232 -27.01 -26.86 31.95
CA SER A 232 -28.19 -26.02 31.83
C SER A 232 -29.12 -26.59 30.79
N ALA A 233 -30.29 -27.07 31.22
CA ALA A 233 -31.32 -27.60 30.31
C ALA A 233 -31.95 -26.53 29.43
N LYS A 234 -32.12 -25.33 29.98
CA LYS A 234 -32.68 -24.20 29.24
C LYS A 234 -31.74 -23.80 28.10
N LYS A 235 -30.55 -23.35 28.46
CA LYS A 235 -29.60 -22.73 27.52
C LYS A 235 -28.78 -23.72 26.68
N ALA A 236 -28.94 -25.01 26.90
CA ALA A 236 -28.23 -25.99 26.07
C ALA A 236 -28.67 -25.91 24.62
N GLN A 237 -27.85 -26.50 23.75
CA GLN A 237 -28.11 -26.59 22.31
C GLN A 237 -27.75 -28.00 21.84
N ILE A 238 -28.77 -28.83 21.65
CA ILE A 238 -28.57 -30.25 21.37
C ILE A 238 -28.71 -30.57 19.88
N CYS A 239 -27.64 -31.09 19.29
CA CYS A 239 -27.64 -31.64 17.93
C CYS A 239 -28.18 -30.67 16.88
N GLN A 240 -27.46 -29.56 16.71
CA GLN A 240 -27.82 -28.50 15.75
C GLN A 240 -26.69 -28.27 14.74
N LYS A 241 -27.04 -27.82 13.54
CA LYS A 241 -26.04 -27.42 12.53
C LYS A 241 -25.44 -26.05 12.87
N GLN A 242 -26.28 -25.13 13.35
CA GLN A 242 -25.87 -23.78 13.74
C GLN A 242 -25.88 -23.65 15.26
N VAL A 243 -24.80 -23.09 15.81
CA VAL A 243 -24.61 -22.99 17.26
C VAL A 243 -23.83 -21.74 17.70
N LYS A 244 -24.17 -21.21 18.86
CA LYS A 244 -23.42 -20.12 19.49
C LYS A 244 -22.50 -20.72 20.54
N TYR A 245 -21.28 -20.23 20.60
CA TYR A 245 -20.31 -20.71 21.57
C TYR A 245 -19.27 -19.62 21.74
N LEU A 246 -18.92 -19.29 22.97
CA LEU A 246 -17.90 -18.30 23.30
C LEU A 246 -17.99 -17.01 22.47
N GLY A 247 -19.22 -16.57 22.20
CA GLY A 247 -19.48 -15.40 21.38
C GLY A 247 -19.15 -15.54 19.89
N TYR A 248 -19.05 -16.79 19.41
CA TYR A 248 -18.74 -17.06 18.03
C TYR A 248 -19.85 -17.92 17.44
N LEU A 249 -20.47 -17.43 16.38
CA LEU A 249 -21.54 -18.15 15.68
C LEU A 249 -20.92 -19.08 14.65
N LEU A 250 -21.14 -20.39 14.86
CA LEU A 250 -20.71 -21.43 13.93
C LEU A 250 -21.87 -21.98 13.13
N LYS A 251 -21.58 -22.33 11.89
CA LYS A 251 -22.57 -22.90 10.99
C LYS A 251 -21.86 -23.40 9.74
N GLU A 252 -22.01 -24.70 9.46
CA GLU A 252 -21.63 -25.32 8.19
C GLU A 252 -20.21 -24.96 7.76
N GLY A 253 -19.25 -25.16 8.67
CA GLY A 253 -17.84 -24.89 8.40
C GLY A 253 -17.39 -23.44 8.33
N GLN A 254 -18.22 -22.52 8.85
CA GLN A 254 -17.89 -21.09 8.89
C GLN A 254 -17.97 -20.56 10.34
N ARG A 255 -17.51 -19.33 10.55
CA ARG A 255 -17.30 -18.78 11.90
C ARG A 255 -17.42 -17.24 11.93
N TRP A 256 -18.55 -16.75 12.44
CA TRP A 256 -18.78 -15.31 12.60
C TRP A 256 -18.61 -14.91 14.05
N LEU A 257 -18.81 -13.62 14.32
CA LEU A 257 -18.97 -13.14 15.69
C LEU A 257 -20.45 -13.00 15.99
N THR A 258 -20.86 -13.48 17.15
CA THR A 258 -22.22 -13.26 17.63
C THR A 258 -22.35 -11.79 18.00
N GLU A 259 -23.54 -11.24 17.71
CA GLU A 259 -23.81 -9.82 17.87
C GLU A 259 -23.60 -9.32 19.30
N ALA A 260 -23.82 -10.21 20.27
CA ALA A 260 -23.51 -9.93 21.66
C ALA A 260 -22.01 -9.69 21.88
N ARG A 261 -21.16 -10.51 21.26
CA ARG A 261 -19.70 -10.34 21.39
C ARG A 261 -19.25 -9.03 20.75
N LYS A 262 -19.89 -8.64 19.66
CA LYS A 262 -19.66 -7.34 19.07
C LYS A 262 -20.08 -6.26 20.06
N GLU A 263 -21.31 -6.41 20.57
CA GLU A 263 -21.94 -5.41 21.43
C GLU A 263 -21.10 -5.03 22.65
N THR A 264 -20.45 -5.99 23.31
CA THR A 264 -19.61 -5.66 24.45
C THR A 264 -18.50 -4.70 24.10
N VAL A 265 -17.96 -4.81 22.89
CA VAL A 265 -16.99 -3.84 22.38
C VAL A 265 -17.70 -2.57 21.88
N MET A 266 -18.83 -2.75 21.20
CA MET A 266 -19.62 -1.62 20.69
C MET A 266 -20.32 -0.82 21.81
N GLY A 267 -20.59 -1.48 22.94
CA GLY A 267 -21.37 -0.91 24.04
C GLY A 267 -20.53 -0.53 25.24
N GLN A 268 -19.41 0.12 24.98
CA GLN A 268 -18.62 0.80 26.01
C GLN A 268 -18.25 2.19 25.46
N PRO A 269 -18.46 3.27 26.27
CA PRO A 269 -18.25 4.64 25.74
C PRO A 269 -16.79 4.97 25.46
N THR A 270 -16.56 6.08 24.75
CA THR A 270 -15.20 6.53 24.42
C THR A 270 -14.42 6.65 25.73
N PRO A 271 -13.39 5.81 25.92
CA PRO A 271 -12.81 5.54 27.25
C PRO A 271 -12.25 6.76 27.97
N LYS A 272 -11.33 7.47 27.32
CA LYS A 272 -10.64 8.66 27.88
C LYS A 272 -9.75 8.41 29.12
N THR A 273 -9.93 7.28 29.81
CA THR A 273 -9.04 6.83 30.86
C THR A 273 -8.10 5.77 30.28
N PRO A 274 -6.89 5.64 30.83
CA PRO A 274 -5.95 4.64 30.32
C PRO A 274 -6.36 3.19 30.54
N ARG A 275 -7.18 2.93 31.56
CA ARG A 275 -7.69 1.58 31.82
C ARG A 275 -8.76 1.17 30.81
N GLN A 276 -9.75 2.03 30.61
CA GLN A 276 -10.84 1.73 29.68
C GLN A 276 -10.34 1.63 28.23
N LEU A 277 -9.36 2.46 27.90
CA LEU A 277 -8.67 2.40 26.60
C LEU A 277 -7.88 1.10 26.42
N ARG A 278 -7.02 0.79 27.39
CA ARG A 278 -6.25 -0.48 27.39
C ARG A 278 -7.12 -1.72 27.30
N GLU A 279 -8.32 -1.66 27.88
CA GLU A 279 -9.25 -2.79 27.89
C GLU A 279 -10.31 -2.73 26.79
N PHE A 280 -10.42 -1.59 26.11
CA PHE A 280 -11.06 -1.53 24.79
C PHE A 280 -10.20 -2.21 23.72
N LEU A 281 -8.88 -2.10 23.84
CA LEU A 281 -7.95 -2.83 22.99
C LEU A 281 -7.86 -4.30 23.41
N GLY A 282 -7.87 -4.54 24.71
CA GLY A 282 -7.89 -5.89 25.26
C GLY A 282 -9.07 -6.69 24.73
N THR A 283 -10.28 -6.15 24.90
CA THR A 283 -11.50 -6.83 24.44
C THR A 283 -11.52 -7.07 22.93
N ALA A 284 -11.08 -6.08 22.15
CA ALA A 284 -11.03 -6.18 20.69
C ALA A 284 -9.98 -7.19 20.19
N GLY A 285 -8.96 -7.44 21.02
CA GLY A 285 -7.91 -8.41 20.74
C GLY A 285 -8.37 -9.80 20.30
N PHE A 286 -9.47 -10.29 20.85
CA PHE A 286 -10.04 -11.57 20.39
C PHE A 286 -10.66 -11.46 18.99
N CYS A 287 -11.07 -10.25 18.61
CA CYS A 287 -11.65 -9.98 17.30
C CYS A 287 -10.65 -9.49 16.25
N ARG A 288 -9.37 -9.38 16.60
CA ARG A 288 -8.36 -8.88 15.67
C ARG A 288 -8.22 -9.75 14.40
N LEU A 289 -8.56 -11.03 14.51
CA LEU A 289 -8.54 -11.95 13.37
C LEU A 289 -9.67 -11.74 12.34
N TRP A 290 -10.68 -10.94 12.68
CA TRP A 290 -11.67 -10.51 11.70
C TRP A 290 -11.42 -9.12 11.14
N ILE A 291 -10.59 -8.32 11.80
CA ILE A 291 -10.32 -6.96 11.34
C ILE A 291 -9.19 -6.97 10.29
N PRO A 292 -9.49 -6.54 9.05
CA PRO A 292 -8.41 -6.36 8.11
C PRO A 292 -7.48 -5.24 8.51
N GLY A 293 -6.23 -5.60 8.75
CA GLY A 293 -5.16 -4.64 8.97
C GLY A 293 -5.23 -3.99 10.33
N PHE A 294 -5.60 -4.80 11.33
CA PHE A 294 -5.80 -4.33 12.70
C PHE A 294 -4.61 -3.55 13.25
N ALA A 295 -3.40 -3.98 12.90
CA ALA A 295 -2.16 -3.33 13.34
C ALA A 295 -2.07 -1.86 12.89
N GLU A 296 -2.33 -1.64 11.61
CA GLU A 296 -2.32 -0.29 11.02
C GLU A 296 -3.53 0.57 11.43
N MET A 297 -4.64 -0.09 11.71
CA MET A 297 -5.85 0.57 12.20
C MET A 297 -5.60 1.08 13.64
N ALA A 298 -5.03 0.21 14.47
CA ALA A 298 -4.82 0.46 15.90
C ALA A 298 -3.55 1.24 16.27
N ALA A 299 -2.86 1.80 15.28
CA ALA A 299 -1.62 2.53 15.52
C ALA A 299 -1.77 3.73 16.45
N PRO A 300 -2.72 4.65 16.17
CA PRO A 300 -2.80 5.90 16.96
C PRO A 300 -3.16 5.74 18.45
N LEU A 301 -3.64 4.55 18.84
CA LEU A 301 -4.11 4.27 20.20
C LEU A 301 -3.05 3.63 21.10
N TYR A 302 -2.12 2.87 20.51
CA TYR A 302 -1.05 2.23 21.29
C TYR A 302 -0.12 3.18 22.08
N PRO A 303 0.14 4.41 21.57
CA PRO A 303 0.85 5.39 22.43
C PRO A 303 0.12 5.83 23.71
N LEU A 304 -1.21 5.71 23.73
CA LEU A 304 -2.02 5.93 24.95
C LEU A 304 -2.20 4.66 25.81
N THR A 305 -1.33 3.67 25.63
CA THR A 305 -1.16 2.58 26.60
C THR A 305 -0.53 3.16 27.86
N LYS A 306 0.70 3.63 27.75
CA LYS A 306 1.36 4.34 28.85
C LYS A 306 2.60 5.09 28.36
N THR A 309 1.17 9.06 31.05
CA THR A 309 1.01 9.41 29.65
C THR A 309 0.09 10.64 29.44
N LEU A 310 0.31 11.33 28.32
CA LEU A 310 -0.52 12.46 27.89
C LEU A 310 -1.67 11.92 27.04
N PHE A 311 -2.92 12.20 27.42
CA PHE A 311 -4.08 11.50 26.83
C PHE A 311 -4.82 12.23 25.67
N ASN A 312 -4.07 13.06 24.94
CA ASN A 312 -4.60 13.84 23.82
C ASN A 312 -5.36 12.98 22.79
N TRP A 313 -6.68 12.94 22.92
CA TRP A 313 -7.56 12.22 21.99
C TRP A 313 -7.88 13.09 20.76
N GLY A 314 -7.03 12.99 19.75
CA GLY A 314 -7.17 13.81 18.53
C GLY A 314 -8.12 13.24 17.49
N PRO A 315 -8.28 13.92 16.33
CA PRO A 315 -9.04 13.41 15.19
C PRO A 315 -8.52 12.10 14.57
N ASP A 316 -7.20 11.95 14.48
CA ASP A 316 -6.57 10.69 14.02
C ASP A 316 -6.91 9.44 14.86
N GLN A 317 -7.14 9.65 16.16
CA GLN A 317 -7.51 8.57 17.10
C GLN A 317 -9.02 8.38 17.20
N GLN A 318 -9.77 9.47 17.17
CA GLN A 318 -11.24 9.43 17.02
C GLN A 318 -11.63 8.73 15.71
N LYS A 319 -10.81 8.89 14.66
CA LYS A 319 -10.97 8.15 13.42
C LYS A 319 -10.64 6.68 13.63
N ALA A 320 -9.45 6.40 14.16
CA ALA A 320 -9.01 5.01 14.41
C ALA A 320 -10.00 4.22 15.28
N TYR A 321 -10.50 4.82 16.34
CA TYR A 321 -11.55 4.22 17.20
C TYR A 321 -12.84 3.92 16.43
N GLN A 322 -13.14 4.72 15.41
CA GLN A 322 -14.32 4.55 14.58
C GLN A 322 -14.11 3.58 13.41
N GLU A 323 -12.89 3.49 12.87
CA GLU A 323 -12.59 2.48 11.85
C GLU A 323 -12.79 1.07 12.41
N ILE A 324 -12.54 0.88 13.70
CA ILE A 324 -12.64 -0.42 14.35
C ILE A 324 -14.09 -0.88 14.48
N LYS A 325 -14.95 0.01 14.95
CA LYS A 325 -16.38 -0.28 15.04
C LYS A 325 -16.94 -0.57 13.64
N GLN A 326 -16.53 0.24 12.66
CA GLN A 326 -16.86 0.02 11.23
C GLN A 326 -16.44 -1.36 10.75
N ALA A 327 -15.21 -1.74 11.08
CA ALA A 327 -14.68 -3.05 10.73
C ALA A 327 -15.42 -4.18 11.44
N LEU A 328 -15.80 -3.95 12.69
CA LEU A 328 -16.61 -4.90 13.47
C LEU A 328 -18.04 -5.07 12.96
N LEU A 329 -18.63 -3.98 12.48
CA LEU A 329 -19.96 -4.02 11.87
C LEU A 329 -19.94 -4.71 10.52
N THR A 330 -18.79 -4.66 9.82
CA THR A 330 -18.58 -5.33 8.53
C THR A 330 -17.72 -6.57 8.66
N ALA A 331 -17.92 -7.33 9.73
CA ALA A 331 -17.09 -8.50 9.99
C ALA A 331 -17.66 -9.65 9.19
N PRO A 332 -16.80 -10.33 8.40
CA PRO A 332 -17.28 -11.36 7.48
C PRO A 332 -17.29 -12.77 8.08
N ALA A 333 -17.71 -13.72 7.26
CA ALA A 333 -17.55 -15.13 7.56
C ALA A 333 -16.08 -15.49 7.40
N LEU A 334 -15.53 -16.23 8.37
CA LEU A 334 -14.24 -16.90 8.24
C LEU A 334 -14.46 -18.41 8.19
N GLY A 335 -13.63 -19.09 7.41
CA GLY A 335 -13.69 -20.55 7.31
C GLY A 335 -12.81 -21.17 8.39
N LEU A 336 -13.22 -22.34 8.87
CA LEU A 336 -12.36 -23.12 9.74
C LEU A 336 -11.20 -23.65 8.90
N PRO A 337 -9.98 -23.70 9.48
CA PRO A 337 -8.88 -24.31 8.74
C PRO A 337 -9.13 -25.82 8.56
N ASP A 338 -9.03 -26.30 7.31
CA ASP A 338 -9.40 -27.68 6.95
C ASP A 338 -8.21 -28.65 6.89
N LEU A 339 -7.03 -28.14 6.52
CA LEU A 339 -5.71 -28.84 6.64
C LEU A 339 -5.37 -29.90 5.56
N THR A 340 -6.27 -30.11 4.59
CA THR A 340 -6.00 -30.96 3.42
C THR A 340 -5.64 -30.12 2.19
N LYS A 341 -6.42 -29.07 1.94
CA LYS A 341 -6.19 -28.16 0.82
C LYS A 341 -4.90 -27.35 0.96
N PRO A 342 -4.46 -26.73 -0.16
CA PRO A 342 -3.38 -25.76 -0.10
C PRO A 342 -3.88 -24.38 0.29
N PHE A 343 -3.11 -23.70 1.12
CA PHE A 343 -3.47 -22.40 1.66
C PHE A 343 -2.81 -21.30 0.83
N GLU A 344 -3.31 -20.08 1.00
CA GLU A 344 -2.92 -18.90 0.21
C GLU A 344 -2.92 -17.61 1.06
N LEU A 345 -1.74 -17.10 1.39
CA LEU A 345 -1.60 -15.90 2.21
C LEU A 345 -1.23 -14.68 1.39
N PHE A 346 -2.14 -13.75 1.22
CA PHE A 346 -1.87 -12.49 0.52
C PHE A 346 -1.31 -11.53 1.57
N VAL A 347 -0.49 -10.58 1.16
CA VAL A 347 0.19 -9.69 2.11
C VAL A 347 0.45 -8.31 1.49
N ASP A 348 0.51 -7.30 2.33
CA ASP A 348 0.87 -5.95 1.92
C ASP A 348 1.47 -5.25 3.14
N GLU A 349 2.18 -4.16 2.92
CA GLU A 349 2.71 -3.34 3.98
C GLU A 349 2.64 -1.87 3.58
N LYS A 350 2.33 -1.02 4.56
CA LYS A 350 2.44 0.43 4.39
C LYS A 350 2.54 1.15 5.74
N GLN A 351 3.39 2.17 5.78
CA GLN A 351 3.65 2.99 6.96
C GLN A 351 4.17 2.19 8.16
N GLY A 352 5.05 1.22 7.90
CA GLY A 352 5.67 0.41 8.94
C GLY A 352 4.79 -0.66 9.56
N TYR A 353 3.65 -0.93 8.93
CA TYR A 353 2.64 -1.84 9.45
C TYR A 353 2.33 -2.92 8.43
N ALA A 354 2.50 -4.17 8.83
CA ALA A 354 2.12 -5.31 8.00
C ALA A 354 0.63 -5.56 8.14
N LYS A 355 0.06 -6.16 7.10
CA LYS A 355 -1.35 -6.52 7.08
C LYS A 355 -1.64 -7.50 5.93
N GLY A 356 -2.44 -8.52 6.21
CA GLY A 356 -2.70 -9.58 5.24
C GLY A 356 -3.78 -10.55 5.65
N VAL A 357 -4.11 -11.46 4.75
CA VAL A 357 -5.22 -12.41 4.90
C VAL A 357 -4.84 -13.84 4.56
N LEU A 358 -5.14 -14.76 5.46
CA LEU A 358 -4.91 -16.17 5.22
C LEU A 358 -6.21 -16.73 4.67
N THR A 359 -6.17 -17.27 3.44
CA THR A 359 -7.35 -17.86 2.78
C THR A 359 -7.05 -19.23 2.24
N GLN A 360 -8.07 -19.84 1.67
CA GLN A 360 -7.88 -21.08 0.93
C GLN A 360 -9.08 -21.26 0.01
N LYS A 361 -9.04 -22.33 -0.76
CA LYS A 361 -10.01 -22.53 -1.82
C LYS A 361 -11.37 -22.95 -1.24
N LEU A 362 -12.43 -22.29 -1.72
CA LEU A 362 -13.82 -22.77 -1.57
C LEU A 362 -14.46 -22.78 -2.96
N GLY A 363 -14.65 -23.98 -3.53
CA GLY A 363 -15.01 -24.10 -4.94
C GLY A 363 -13.91 -23.47 -5.77
N PRO A 364 -14.26 -22.57 -6.71
CA PRO A 364 -13.26 -21.75 -7.40
C PRO A 364 -12.98 -20.42 -6.71
N TRP A 365 -13.57 -20.20 -5.52
CA TRP A 365 -13.40 -18.97 -4.75
C TRP A 365 -12.34 -19.13 -3.65
N ARG A 366 -12.00 -18.02 -3.02
CA ARG A 366 -11.16 -17.99 -1.83
C ARG A 366 -11.99 -17.44 -0.70
N ARG A 367 -12.24 -18.26 0.33
CA ARG A 367 -12.94 -17.81 1.54
C ARG A 367 -11.95 -17.65 2.71
N PRO A 368 -11.72 -16.40 3.20
CA PRO A 368 -10.67 -16.17 4.20
C PRO A 368 -10.84 -17.03 5.45
N VAL A 369 -9.72 -17.44 6.02
CA VAL A 369 -9.69 -18.13 7.31
C VAL A 369 -9.31 -17.14 8.41
N ALA A 370 -8.45 -16.16 8.12
CA ALA A 370 -8.06 -15.13 9.09
C ALA A 370 -7.53 -13.83 8.48
N TYR A 371 -7.43 -12.81 9.33
CA TYR A 371 -6.79 -11.54 8.98
C TYR A 371 -5.63 -11.27 9.93
N LEU A 372 -4.44 -11.70 9.52
CA LEU A 372 -3.23 -11.60 10.34
C LEU A 372 -2.53 -10.29 10.04
N SER A 373 -2.22 -9.52 11.08
CA SER A 373 -1.48 -8.26 10.92
C SER A 373 -0.49 -8.08 12.06
N LYS A 374 0.57 -7.29 11.79
CA LYS A 374 1.63 -7.02 12.78
C LYS A 374 2.50 -5.79 12.40
N LYS A 375 2.94 -5.03 13.41
CA LYS A 375 3.78 -3.87 13.18
C LYS A 375 5.22 -4.30 12.97
N LEU A 376 5.89 -3.67 12.01
CA LEU A 376 7.28 -3.96 11.75
C LEU A 376 8.10 -3.30 12.86
N ASP A 377 9.00 -4.09 13.46
CA ASP A 377 9.89 -3.60 14.53
C ASP A 377 10.86 -2.52 13.99
N PRO A 378 11.34 -1.62 14.86
CA PRO A 378 12.04 -0.40 14.41
C PRO A 378 13.21 -0.56 13.40
N VAL A 379 14.05 -1.58 13.57
CA VAL A 379 15.19 -1.78 12.65
C VAL A 379 14.70 -2.10 11.23
N ALA A 380 13.66 -2.92 11.13
CA ALA A 380 13.05 -3.27 9.84
C ALA A 380 12.27 -2.11 9.24
N ALA A 381 11.54 -1.39 10.08
CA ALA A 381 10.76 -0.21 9.65
C ALA A 381 11.61 0.91 9.01
N GLY A 382 12.91 0.93 9.34
CA GLY A 382 13.88 1.81 8.68
C GLY A 382 14.29 1.42 7.26
N TRP A 383 14.04 0.17 6.86
CA TRP A 383 14.46 -0.33 5.54
C TRP A 383 13.62 0.23 4.39
N PRO A 384 14.13 0.14 3.15
CA PRO A 384 13.40 0.56 1.94
C PRO A 384 12.17 -0.29 1.59
N PRO A 385 11.33 0.18 0.64
CA PRO A 385 10.02 -0.43 0.36
C PRO A 385 10.00 -1.95 0.18
N CYS A 386 10.71 -2.45 -0.83
CA CYS A 386 10.72 -3.88 -1.12
C CYS A 386 11.27 -4.73 0.04
N LEU A 387 12.20 -4.17 0.83
CA LEU A 387 12.71 -4.83 2.05
C LEU A 387 11.59 -5.01 3.06
N ARG A 388 10.92 -3.90 3.39
CA ARG A 388 9.80 -3.92 4.34
C ARG A 388 8.62 -4.75 3.86
N MET A 389 8.52 -4.97 2.55
CA MET A 389 7.57 -5.93 2.01
C MET A 389 7.99 -7.37 2.32
N VAL A 390 9.29 -7.66 2.32
CA VAL A 390 9.80 -8.99 2.67
C VAL A 390 9.58 -9.29 4.15
N ALA A 391 9.98 -8.35 5.00
CA ALA A 391 9.80 -8.48 6.46
C ALA A 391 8.37 -8.82 6.82
N ALA A 392 7.42 -8.07 6.25
CA ALA A 392 5.98 -8.26 6.46
C ALA A 392 5.52 -9.67 6.10
N ILE A 393 5.93 -10.13 4.91
CA ILE A 393 5.64 -11.50 4.44
C ILE A 393 6.20 -12.47 5.45
N ALA A 394 7.44 -12.23 5.86
CA ALA A 394 8.11 -13.08 6.82
C ALA A 394 7.34 -13.17 8.13
N VAL A 395 6.97 -12.01 8.67
CA VAL A 395 6.28 -11.94 9.96
C VAL A 395 4.94 -12.65 9.89
N LEU A 396 4.13 -12.30 8.88
CA LEU A 396 2.81 -12.94 8.72
C LEU A 396 2.93 -14.45 8.46
N THR A 397 4.00 -14.89 7.81
CA THR A 397 4.24 -16.31 7.56
C THR A 397 4.54 -17.08 8.83
N LYS A 398 5.37 -16.50 9.71
CA LYS A 398 5.64 -17.07 11.04
C LYS A 398 4.32 -17.34 11.77
N ASP A 399 3.45 -16.34 11.80
CA ASP A 399 2.18 -16.41 12.54
C ASP A 399 1.21 -17.38 11.85
N ALA A 400 1.12 -17.29 10.52
CA ALA A 400 0.30 -18.20 9.73
C ALA A 400 0.56 -19.68 10.06
N GLY A 401 1.84 -20.02 10.22
CA GLY A 401 2.28 -21.37 10.61
C GLY A 401 1.52 -21.99 11.78
N LYS A 402 1.14 -21.13 12.73
CA LYS A 402 0.31 -21.56 13.86
C LYS A 402 -1.03 -22.12 13.41
N LEU A 403 -1.61 -21.53 12.37
CA LEU A 403 -2.88 -21.99 11.82
C LEU A 403 -2.73 -23.06 10.74
N THR A 404 -1.67 -22.98 9.91
CA THR A 404 -1.49 -23.96 8.82
C THR A 404 -1.11 -25.35 9.31
N MET A 405 -0.42 -25.43 10.45
CA MET A 405 0.10 -26.69 10.97
C MET A 405 1.05 -27.33 9.94
N GLY A 406 1.94 -26.51 9.38
CA GLY A 406 2.92 -26.98 8.39
C GLY A 406 2.30 -27.63 7.17
N GLN A 407 1.39 -26.90 6.53
CA GLN A 407 0.71 -27.36 5.31
C GLN A 407 1.03 -26.43 4.15
N PRO A 408 0.75 -26.88 2.89
CA PRO A 408 1.05 -26.09 1.68
C PRO A 408 0.58 -24.64 1.71
N LEU A 409 1.45 -23.73 1.29
CA LEU A 409 1.26 -22.30 1.50
C LEU A 409 1.81 -21.50 0.33
N VAL A 410 0.93 -20.78 -0.36
CA VAL A 410 1.28 -20.01 -1.57
C VAL A 410 1.19 -18.51 -1.28
N ILE A 411 2.33 -17.88 -1.05
CA ILE A 411 2.41 -16.45 -0.70
C ILE A 411 2.15 -15.58 -1.92
N LEU A 412 1.54 -14.42 -1.74
CA LEU A 412 1.38 -13.38 -2.79
C LEU A 412 1.64 -11.99 -2.26
N ALA A 413 2.00 -11.06 -3.16
CA ALA A 413 2.31 -9.69 -2.79
C ALA A 413 2.28 -8.74 -3.99
N PRO A 414 2.23 -7.42 -3.72
CA PRO A 414 2.32 -6.41 -4.80
C PRO A 414 3.71 -6.25 -5.43
N HIS A 415 4.77 -6.59 -4.69
CA HIS A 415 6.13 -6.63 -5.22
C HIS A 415 6.62 -8.08 -5.17
N ALA A 416 6.85 -8.69 -6.33
CA ALA A 416 7.40 -10.07 -6.38
C ALA A 416 8.86 -10.04 -5.99
N VAL A 417 9.17 -10.68 -4.86
CA VAL A 417 10.42 -10.48 -4.15
C VAL A 417 11.12 -11.80 -3.85
N GLU A 418 10.85 -12.79 -4.69
CA GLU A 418 11.47 -14.11 -4.57
C GLU A 418 12.95 -14.04 -4.91
N ALA A 419 13.30 -13.17 -5.86
CA ALA A 419 14.68 -12.97 -6.27
C ALA A 419 15.50 -12.29 -5.19
N LEU A 420 14.83 -11.44 -4.42
CA LEU A 420 15.48 -10.72 -3.34
C LEU A 420 16.05 -11.63 -2.27
N VAL A 421 15.36 -12.73 -2.03
CA VAL A 421 15.79 -13.71 -1.04
C VAL A 421 17.27 -14.07 -1.23
N LYS A 422 17.71 -14.08 -2.49
CA LYS A 422 19.08 -14.39 -2.82
C LYS A 422 20.10 -13.32 -2.36
N GLN A 423 19.97 -12.09 -2.85
CA GLN A 423 21.00 -11.03 -2.73
C GLN A 423 20.60 -9.85 -1.81
N PRO A 424 20.99 -9.89 -0.52
CA PRO A 424 20.93 -8.76 0.42
C PRO A 424 22.30 -8.10 0.79
N PRO A 425 22.68 -7.01 0.07
CA PRO A 425 23.92 -6.29 0.44
C PRO A 425 23.74 -5.39 1.67
N ALA A 432 22.90 -9.62 6.35
CA ALA A 432 22.92 -9.34 7.78
C ALA A 432 21.82 -10.08 8.58
N ARG A 433 20.58 -9.59 8.50
CA ARG A 433 19.43 -10.13 9.27
C ARG A 433 18.68 -11.29 8.59
N MET A 434 19.07 -11.61 7.36
CA MET A 434 18.29 -12.45 6.44
C MET A 434 18.33 -13.95 6.73
N THR A 435 19.32 -14.39 7.51
CA THR A 435 19.42 -15.79 7.95
C THR A 435 18.15 -16.24 8.69
N HIS A 436 17.55 -15.31 9.45
CA HIS A 436 16.36 -15.59 10.26
C HIS A 436 15.14 -15.75 9.37
N TYR A 437 15.04 -14.87 8.38
CA TYR A 437 13.94 -14.88 7.42
C TYR A 437 14.05 -16.05 6.46
N GLN A 438 15.16 -16.09 5.73
CA GLN A 438 15.38 -17.11 4.68
C GLN A 438 15.19 -18.54 5.19
N ALA A 439 15.45 -18.74 6.49
CA ALA A 439 15.15 -20.00 7.16
C ALA A 439 13.73 -20.47 6.85
N LEU A 440 12.75 -19.69 7.29
CA LEU A 440 11.33 -20.07 7.20
C LEU A 440 10.59 -19.46 5.98
N LEU A 441 11.33 -18.90 5.02
CA LEU A 441 10.78 -18.50 3.70
C LEU A 441 11.17 -19.46 2.58
N LEU A 442 12.43 -19.85 2.57
CA LEU A 442 13.00 -20.65 1.50
C LEU A 442 13.09 -22.13 1.84
N ASP A 443 12.70 -22.49 3.07
CA ASP A 443 12.38 -23.87 3.39
C ASP A 443 11.12 -24.21 2.59
N THR A 444 11.35 -24.63 1.34
CA THR A 444 10.30 -24.72 0.32
C THR A 444 9.60 -26.10 0.26
N ASP A 445 9.68 -26.84 1.36
CA ASP A 445 8.88 -28.05 1.54
C ASP A 445 7.45 -27.64 1.88
N ARG A 446 7.32 -26.72 2.84
CA ARG A 446 6.02 -26.13 3.23
C ARG A 446 5.63 -24.88 2.44
N VAL A 447 6.63 -24.04 2.14
CA VAL A 447 6.43 -22.67 1.65
C VAL A 447 6.60 -22.54 0.14
N GLN A 448 5.86 -21.60 -0.44
CA GLN A 448 5.99 -21.26 -1.86
C GLN A 448 5.51 -19.83 -2.13
N PHE A 449 6.08 -19.21 -3.16
CA PHE A 449 5.65 -17.89 -3.64
C PHE A 449 4.56 -18.07 -4.70
N GLY A 450 4.02 -16.95 -5.20
CA GLY A 450 2.97 -16.97 -6.23
C GLY A 450 2.86 -15.63 -6.93
N PRO A 451 1.95 -15.52 -7.91
CA PRO A 451 2.01 -14.41 -8.86
C PRO A 451 1.96 -13.02 -8.24
N VAL A 452 2.71 -12.05 -8.76
CA VAL A 452 2.57 -10.65 -8.31
C VAL A 452 1.14 -10.13 -8.60
N VAL A 453 0.57 -9.39 -7.65
CA VAL A 453 -0.86 -9.04 -7.69
C VAL A 453 -1.21 -7.87 -6.75
N ALA A 454 -2.17 -7.03 -7.18
CA ALA A 454 -2.69 -5.95 -6.35
C ALA A 454 -3.82 -6.43 -5.43
N LEU A 455 -4.02 -5.74 -4.31
CA LEU A 455 -5.03 -6.11 -3.30
C LEU A 455 -6.03 -4.98 -3.04
N ASN A 456 -7.22 -5.37 -2.57
CA ASN A 456 -8.26 -4.42 -2.16
C ASN A 456 -7.91 -3.77 -0.85
N PRO A 457 -7.71 -2.45 -0.83
CA PRO A 457 -7.56 -1.78 0.46
C PRO A 457 -8.56 -2.29 1.49
N ALA A 458 -9.81 -2.50 1.06
CA ALA A 458 -10.87 -3.03 1.92
C ALA A 458 -10.66 -4.49 2.30
N THR A 459 -10.99 -5.41 1.39
CA THR A 459 -11.05 -6.83 1.73
C THR A 459 -9.69 -7.49 1.87
N LEU A 460 -8.65 -6.86 1.30
CA LEU A 460 -7.32 -7.47 1.15
C LEU A 460 -7.36 -8.79 0.38
N LEU A 461 -8.14 -8.82 -0.69
CA LEU A 461 -8.17 -9.97 -1.58
C LEU A 461 -7.56 -9.55 -2.91
N PRO A 462 -7.15 -10.52 -3.75
CA PRO A 462 -6.49 -10.18 -5.01
C PRO A 462 -7.40 -9.50 -6.01
N LEU A 463 -6.80 -8.70 -6.90
CA LEU A 463 -7.49 -8.12 -8.06
C LEU A 463 -6.90 -8.71 -9.34
N PRO A 464 -7.74 -8.90 -10.39
CA PRO A 464 -7.16 -9.24 -11.69
C PRO A 464 -6.24 -8.11 -12.16
N GLU A 465 -4.93 -8.33 -11.95
CA GLU A 465 -3.88 -7.36 -12.26
C GLU A 465 -2.51 -8.05 -12.10
N GLU A 466 -1.67 -7.96 -13.13
CA GLU A 466 -0.31 -8.54 -13.10
C GLU A 466 0.63 -7.75 -12.18
N LEU A 476 9.62 -4.89 -13.11
CA LEU A 476 9.58 -4.62 -11.67
C LEU A 476 10.88 -5.13 -10.98
N ALA A 477 11.20 -6.40 -11.18
CA ALA A 477 12.58 -6.94 -11.03
C ALA A 477 13.22 -7.07 -9.64
N GLU A 478 13.09 -6.05 -8.80
CA GLU A 478 13.83 -5.94 -7.52
C GLU A 478 15.32 -5.70 -7.72
N ALA A 479 15.65 -4.81 -8.65
CA ALA A 479 17.02 -4.50 -9.04
C ALA A 479 17.15 -2.98 -9.20
N HIS A 480 17.25 -2.28 -8.08
CA HIS A 480 17.15 -0.81 -8.08
C HIS A 480 17.57 -0.17 -6.78
N GLY A 481 17.52 1.16 -6.76
CA GLY A 481 17.59 1.94 -5.53
C GLY A 481 18.83 2.79 -5.45
N THR A 482 18.71 3.94 -4.82
CA THR A 482 19.82 4.89 -4.67
C THR A 482 19.54 5.97 -3.61
N ARG A 483 18.51 6.78 -3.85
CA ARG A 483 18.28 8.05 -3.15
C ARG A 483 17.20 8.04 -2.05
N PRO A 484 17.26 8.98 -1.08
CA PRO A 484 16.25 9.29 -0.02
C PRO A 484 14.85 9.79 -0.45
N ASP A 485 14.27 10.69 0.36
CA ASP A 485 12.95 11.29 0.13
C ASP A 485 13.07 12.81 -0.06
N LEU A 486 14.08 13.26 -0.81
CA LEU A 486 14.27 14.68 -1.07
C LEU A 486 13.25 15.20 -2.06
N THR A 487 12.77 16.41 -1.81
CA THR A 487 11.73 17.05 -2.64
C THR A 487 12.07 18.51 -2.93
N ASP A 488 11.19 19.14 -3.71
CA ASP A 488 11.21 20.57 -4.00
C ASP A 488 9.98 21.22 -3.34
N GLN A 489 9.89 21.04 -2.02
CA GLN A 489 8.66 21.20 -1.23
C GLN A 489 8.92 21.91 0.12
N PRO A 490 8.64 23.22 0.21
CA PRO A 490 8.71 23.88 1.52
C PRO A 490 7.82 23.15 2.53
N LEU A 491 8.45 22.26 3.30
CA LEU A 491 7.77 21.30 4.18
C LEU A 491 6.76 21.96 5.14
N PRO A 492 5.66 21.25 5.49
CA PRO A 492 4.54 21.85 6.23
C PRO A 492 4.85 22.29 7.67
N ASP A 493 5.81 21.63 8.32
CA ASP A 493 6.27 22.00 9.68
C ASP A 493 6.96 23.36 9.72
N ALA A 494 7.54 23.77 8.59
CA ALA A 494 8.20 25.07 8.46
C ALA A 494 9.21 25.34 9.57
N ASP A 495 10.33 24.60 9.57
CA ASP A 495 11.47 24.90 10.46
C ASP A 495 12.50 25.77 9.69
N HIS A 496 13.80 25.55 9.86
CA HIS A 496 14.82 26.58 9.58
C HIS A 496 14.83 27.07 8.13
N THR A 497 14.66 28.39 7.96
CA THR A 497 14.66 29.04 6.65
C THR A 497 16.06 29.61 6.43
N TRP A 498 16.92 28.84 5.76
CA TRP A 498 18.34 29.16 5.64
C TRP A 498 18.79 29.37 4.20
N TYR A 499 19.32 30.56 3.92
CA TYR A 499 19.66 30.99 2.57
C TYR A 499 21.17 30.91 2.34
N THR A 500 21.61 30.12 1.35
CA THR A 500 23.05 29.84 1.14
C THR A 500 23.62 30.45 -0.17
N ASP A 501 24.79 31.10 -0.05
CA ASP A 501 25.47 31.79 -1.15
C ASP A 501 26.99 31.66 -0.99
N GLY A 502 27.72 31.94 -2.07
CA GLY A 502 29.20 31.98 -2.06
C GLY A 502 29.75 32.94 -3.11
N SER A 503 31.06 33.15 -3.13
CA SER A 503 31.67 34.18 -4.00
C SER A 503 33.15 33.96 -4.28
N SER A 504 33.49 33.41 -5.47
CA SER A 504 34.89 33.15 -5.87
C SER A 504 35.32 33.70 -7.29
N LEU A 505 34.78 34.84 -7.70
CA LEU A 505 35.33 35.63 -8.82
C LEU A 505 36.16 36.81 -8.27
N LEU A 506 36.94 37.47 -9.12
CA LEU A 506 37.82 38.61 -8.71
C LEU A 506 37.18 40.00 -8.85
N GLN A 507 37.58 40.91 -7.96
CA GLN A 507 36.95 42.25 -7.81
C GLN A 507 37.97 43.38 -8.07
N GLU A 508 38.84 43.61 -7.08
CA GLU A 508 39.79 44.73 -7.08
C GLU A 508 41.22 44.20 -6.84
N GLY A 509 41.55 43.11 -7.52
CA GLY A 509 42.81 42.40 -7.35
C GLY A 509 42.69 40.93 -7.68
N GLN A 510 42.38 40.13 -6.65
CA GLN A 510 42.40 38.66 -6.74
C GLN A 510 41.07 38.03 -6.28
N ARG A 511 40.94 36.71 -6.48
CA ARG A 511 39.67 35.98 -6.25
C ARG A 511 39.23 35.94 -4.78
N LYS A 512 38.02 36.44 -4.50
CA LYS A 512 37.52 36.72 -3.13
C LYS A 512 37.42 35.49 -2.21
N ALA A 513 36.60 34.52 -2.61
CA ALA A 513 36.42 33.26 -1.90
C ALA A 513 35.78 33.47 -0.51
N GLY A 514 34.45 33.40 -0.47
CA GLY A 514 33.68 33.60 0.76
C GLY A 514 32.27 33.02 0.69
N ALA A 515 31.85 32.42 1.81
CA ALA A 515 30.55 31.77 1.94
C ALA A 515 29.71 32.43 3.04
N ALA A 516 28.42 32.09 3.06
CA ALA A 516 27.49 32.56 4.10
C ALA A 516 26.22 31.68 4.14
N VAL A 517 25.67 31.47 5.35
CA VAL A 517 24.42 30.71 5.57
C VAL A 517 23.54 31.46 6.58
N THR A 518 22.72 32.40 6.09
CA THR A 518 21.96 33.34 6.95
C THR A 518 20.48 32.91 7.15
N THR A 519 19.69 33.81 7.73
CA THR A 519 18.22 33.72 7.70
C THR A 519 17.67 35.14 7.36
N GLU A 520 16.36 35.35 7.51
CA GLU A 520 15.74 36.64 7.17
C GLU A 520 16.19 37.82 8.06
N THR A 521 16.48 37.53 9.33
CA THR A 521 16.85 38.54 10.34
C THR A 521 18.31 38.44 10.83
N GLU A 522 18.74 37.21 11.12
CA GLU A 522 20.05 36.92 11.73
C GLU A 522 21.15 36.58 10.70
N VAL A 523 22.35 36.29 11.20
CA VAL A 523 23.51 35.87 10.37
C VAL A 523 23.81 34.35 10.42
N ILE A 524 23.56 33.70 11.56
CA ILE A 524 23.72 32.23 11.75
C ILE A 524 25.19 31.75 11.60
N TRP A 525 25.68 31.62 10.37
CA TRP A 525 27.04 31.13 10.10
C TRP A 525 27.64 31.80 8.86
N ALA A 526 28.95 32.05 8.90
CA ALA A 526 29.69 32.64 7.78
C ALA A 526 31.20 32.47 8.00
N LYS A 527 31.98 32.66 6.94
CA LYS A 527 33.45 32.53 7.00
C LYS A 527 34.10 33.08 5.72
N ALA A 528 35.41 32.85 5.59
CA ALA A 528 36.12 32.97 4.32
C ALA A 528 36.54 31.58 3.86
N LEU A 529 37.14 31.53 2.67
CA LEU A 529 37.61 30.28 2.04
C LEU A 529 39.11 30.41 1.76
N PRO A 530 39.77 29.32 1.28
CA PRO A 530 41.12 29.42 0.74
C PRO A 530 41.27 30.41 -0.44
N ALA A 531 42.52 30.80 -0.74
CA ALA A 531 42.81 31.69 -1.86
C ALA A 531 42.42 31.07 -3.22
N GLY A 532 42.53 29.73 -3.32
CA GLY A 532 42.16 29.00 -4.53
C GLY A 532 40.66 28.82 -4.73
N THR A 533 40.17 27.63 -4.37
CA THR A 533 38.79 27.16 -4.66
C THR A 533 38.48 27.20 -6.18
N SER A 534 37.31 27.69 -6.60
CA SER A 534 36.94 27.75 -8.02
C SER A 534 36.24 29.08 -8.30
N ALA A 535 35.14 29.05 -9.07
CA ALA A 535 34.18 30.15 -9.14
C ALA A 535 32.92 29.80 -8.33
N GLN A 536 32.38 28.62 -8.59
CA GLN A 536 31.07 28.20 -8.06
C GLN A 536 31.14 27.06 -7.04
N ARG A 537 32.34 26.61 -6.71
CA ARG A 537 32.55 25.66 -5.61
C ARG A 537 32.14 26.28 -4.28
N ALA A 538 32.30 27.60 -4.16
CA ALA A 538 31.86 28.36 -2.97
C ALA A 538 30.43 28.02 -2.54
N GLU A 539 29.53 28.06 -3.51
CA GLU A 539 28.11 27.75 -3.29
C GLU A 539 27.87 26.34 -2.76
N LEU A 540 28.70 25.39 -3.21
CA LEU A 540 28.64 24.02 -2.72
C LEU A 540 29.11 23.94 -1.28
N ILE A 541 30.29 24.49 -1.04
CA ILE A 541 30.93 24.47 0.29
C ILE A 541 30.02 25.11 1.33
N ALA A 542 29.35 26.18 0.95
CA ALA A 542 28.37 26.85 1.81
C ALA A 542 27.15 25.97 2.08
N LEU A 543 26.67 25.26 1.07
CA LEU A 543 25.50 24.38 1.19
C LEU A 543 25.79 23.10 1.97
N THR A 544 26.94 22.48 1.68
CA THR A 544 27.40 21.32 2.46
C THR A 544 27.35 21.69 3.94
N GLN A 545 28.09 22.74 4.28
CA GLN A 545 28.18 23.32 5.63
C GLN A 545 26.81 23.67 6.23
N ALA A 546 25.93 24.28 5.42
CA ALA A 546 24.54 24.56 5.82
C ALA A 546 23.76 23.30 6.16
N LEU A 547 24.16 22.18 5.56
CA LEU A 547 23.52 20.88 5.72
C LEU A 547 24.19 19.99 6.78
N LYS A 548 25.39 20.36 7.22
CA LYS A 548 26.03 19.70 8.37
C LYS A 548 25.24 20.07 9.63
N MET A 549 25.16 21.38 9.90
CA MET A 549 24.53 21.90 11.12
C MET A 549 23.00 21.82 11.05
N ALA A 550 22.49 20.59 11.13
CA ALA A 550 21.07 20.26 11.02
C ALA A 550 20.97 18.77 11.20
N GLU A 551 19.92 18.29 11.86
CA GLU A 551 19.88 16.89 12.26
C GLU A 551 18.48 16.40 12.61
N GLY A 552 17.85 17.10 13.56
CA GLY A 552 16.47 16.82 13.96
C GLY A 552 15.72 18.13 14.03
N LYS A 553 15.96 19.00 13.05
CA LYS A 553 15.25 20.27 12.91
C LYS A 553 14.88 20.57 11.44
N LYS A 554 14.53 19.51 10.70
CA LYS A 554 13.79 19.58 9.42
C LYS A 554 14.52 20.32 8.26
N LEU A 555 14.62 21.64 8.35
CA LEU A 555 15.36 22.49 7.40
C LEU A 555 14.82 22.55 5.96
N ASN A 556 14.78 23.78 5.41
CA ASN A 556 14.58 24.03 3.97
C ASN A 556 15.67 25.01 3.55
N VAL A 557 16.48 24.66 2.55
CA VAL A 557 17.64 25.49 2.20
C VAL A 557 17.47 26.13 0.82
N TYR A 558 17.52 27.47 0.79
CA TYR A 558 17.42 28.28 -0.44
C TYR A 558 18.80 28.49 -1.05
N THR A 559 18.93 28.30 -2.36
CA THR A 559 20.21 28.42 -3.05
C THR A 559 20.16 29.53 -4.08
N ASP A 560 21.13 30.42 -4.05
CA ASP A 560 21.22 31.52 -5.02
C ASP A 560 21.78 31.04 -6.36
N SER A 561 22.76 30.14 -6.31
CA SER A 561 23.36 29.56 -7.51
C SER A 561 22.62 28.28 -7.94
N ARG A 562 22.49 28.14 -9.25
CA ARG A 562 21.68 27.10 -9.89
C ARG A 562 22.49 25.85 -10.25
N TYR A 563 23.81 26.00 -10.39
CA TYR A 563 24.71 24.84 -10.47
C TYR A 563 24.69 24.02 -9.17
N ALA A 564 24.61 24.72 -8.04
CA ALA A 564 24.56 24.07 -6.72
C ALA A 564 23.34 23.18 -6.56
N PHE A 565 22.16 23.73 -6.86
CA PHE A 565 20.88 22.99 -6.76
C PHE A 565 20.90 21.64 -7.51
N ALA A 566 21.05 21.70 -8.83
CA ALA A 566 20.91 20.55 -9.72
C ALA A 566 21.86 19.40 -9.37
N THR A 567 23.17 19.68 -9.36
CA THR A 567 24.18 18.69 -8.96
C THR A 567 23.81 18.09 -7.61
N ALA A 568 23.43 18.95 -6.67
CA ALA A 568 22.99 18.53 -5.34
C ALA A 568 21.62 17.84 -5.31
N HIS A 569 20.83 17.96 -6.36
CA HIS A 569 19.50 17.38 -6.40
C HIS A 569 19.37 16.27 -7.46
N ILE A 570 20.46 15.55 -7.74
CA ILE A 570 20.46 14.58 -8.86
C ILE A 570 21.03 13.13 -8.68
N HIS A 571 20.77 12.40 -7.58
CA HIS A 571 20.45 12.93 -6.26
C HIS A 571 21.73 13.52 -5.66
N GLY A 572 22.78 12.76 -5.29
CA GLY A 572 22.83 11.29 -5.15
C GLY A 572 22.85 10.40 -6.37
N GLU A 573 23.83 10.62 -7.25
CA GLU A 573 24.11 9.68 -8.34
C GLU A 573 25.53 9.15 -8.36
N ILE A 574 25.61 7.84 -8.12
CA ILE A 574 26.80 7.05 -8.44
C ILE A 574 27.09 7.10 -9.94
N TYR A 575 28.28 6.66 -10.35
CA TYR A 575 28.83 7.05 -11.65
C TYR A 575 29.08 5.87 -12.61
N ARG A 576 30.26 5.24 -12.54
CA ARG A 576 30.64 4.20 -13.51
C ARG A 576 30.27 2.80 -12.99
N ILE A 588 33.89 13.74 -15.32
CA ILE A 588 33.78 14.52 -14.08
C ILE A 588 35.15 14.66 -13.38
N LYS A 589 35.55 15.91 -13.11
CA LYS A 589 36.92 16.23 -12.63
C LYS A 589 36.87 17.27 -11.49
N ASN A 590 36.14 16.94 -10.42
CA ASN A 590 36.03 17.79 -9.22
C ASN A 590 35.38 17.04 -8.02
N LYS A 591 35.91 15.84 -7.75
CA LYS A 591 35.26 14.87 -6.84
C LYS A 591 35.22 15.29 -5.37
N ASP A 592 36.21 16.05 -4.91
CA ASP A 592 36.42 16.37 -3.47
C ASP A 592 35.17 16.90 -2.77
N GLU A 593 34.85 18.17 -3.01
CA GLU A 593 33.64 18.82 -2.53
C GLU A 593 32.37 18.00 -2.79
N ILE A 594 32.35 17.35 -3.97
CA ILE A 594 31.20 16.58 -4.47
C ILE A 594 30.93 15.39 -3.56
N LEU A 595 31.93 14.53 -3.38
CA LEU A 595 31.75 13.32 -2.57
C LEU A 595 31.50 13.65 -1.09
N ALA A 596 31.87 14.86 -0.65
CA ALA A 596 31.48 15.37 0.66
C ALA A 596 30.01 15.76 0.69
N LEU A 597 29.58 16.47 -0.35
CA LEU A 597 28.19 16.88 -0.51
C LEU A 597 27.26 15.67 -0.63
N LEU A 598 27.57 14.74 -1.52
CA LEU A 598 26.75 13.53 -1.73
C LEU A 598 26.41 12.82 -0.41
N LYS A 599 27.44 12.57 0.41
CA LYS A 599 27.25 11.90 1.71
C LYS A 599 26.66 12.83 2.78
N ALA A 600 26.93 14.12 2.70
CA ALA A 600 26.44 15.10 3.69
C ALA A 600 24.91 15.28 3.75
N LEU A 601 24.17 14.66 2.84
CA LEU A 601 22.72 14.91 2.68
C LEU A 601 21.81 13.95 3.43
N PHE A 602 22.36 12.90 4.05
CA PHE A 602 21.56 11.92 4.77
C PHE A 602 21.31 12.34 6.23
N LEU A 603 21.58 13.60 6.58
CA LEU A 603 21.77 14.01 7.97
C LEU A 603 20.49 14.51 8.66
N PRO A 604 19.80 15.53 8.10
CA PRO A 604 18.54 15.92 8.72
C PRO A 604 17.37 15.05 8.27
N LYS A 605 16.50 14.66 9.21
CA LYS A 605 15.30 13.87 8.89
C LYS A 605 14.29 14.74 8.16
N ARG A 606 13.82 14.25 7.01
CA ARG A 606 12.93 15.00 6.10
C ARG A 606 13.54 16.36 5.69
N LEU A 607 14.23 16.39 4.55
CA LEU A 607 14.84 17.61 4.01
C LEU A 607 14.14 18.03 2.72
N SER A 608 14.15 19.32 2.45
CA SER A 608 13.63 19.86 1.19
C SER A 608 14.51 21.01 0.68
N ILE A 609 15.33 20.70 -0.32
CA ILE A 609 16.16 21.70 -0.97
C ILE A 609 15.31 22.36 -2.02
N ILE A 610 15.10 23.66 -1.84
CA ILE A 610 14.38 24.51 -2.77
C ILE A 610 15.39 25.53 -3.33
N HIS A 611 15.02 26.23 -4.41
CA HIS A 611 15.90 27.22 -5.06
C HIS A 611 15.06 28.40 -5.54
N CYS A 612 15.08 29.51 -4.80
CA CYS A 612 14.22 30.64 -5.15
C CYS A 612 14.77 31.99 -5.61
N PRO A 613 15.59 32.01 -6.65
CA PRO A 613 16.05 33.28 -7.17
C PRO A 613 14.93 33.92 -7.96
N GLY A 614 13.69 33.83 -7.48
CA GLY A 614 12.53 34.21 -8.28
C GLY A 614 11.53 35.11 -7.54
N HIS A 615 11.93 36.34 -7.22
CA HIS A 615 13.23 36.87 -7.61
C HIS A 615 13.97 37.42 -6.39
N GLN A 616 15.30 37.32 -6.44
CA GLN A 616 16.20 37.91 -5.43
C GLN A 616 16.51 39.40 -5.60
N LYS A 617 15.72 40.14 -6.39
CA LYS A 617 15.98 41.57 -6.63
C LYS A 617 14.73 42.48 -6.87
N GLY A 618 13.61 42.33 -6.13
CA GLY A 618 13.40 41.35 -5.06
C GLY A 618 12.24 41.67 -4.12
N HIS A 619 12.27 41.05 -2.93
CA HIS A 619 11.49 41.46 -1.73
C HIS A 619 10.00 41.12 -1.65
N SER A 620 9.72 39.96 -1.06
CA SER A 620 8.44 39.63 -0.42
C SER A 620 8.78 39.15 0.99
N ALA A 621 7.85 38.45 1.66
CA ALA A 621 8.18 37.72 2.90
C ALA A 621 8.81 36.35 2.56
N GLU A 622 10.03 36.40 2.01
CA GLU A 622 10.74 35.22 1.49
C GLU A 622 12.12 35.61 0.94
N ALA A 623 12.13 36.44 -0.10
CA ALA A 623 13.37 36.88 -0.74
C ALA A 623 14.08 38.01 0.03
N ARG A 624 13.45 38.50 1.10
CA ARG A 624 14.12 39.38 2.08
C ARG A 624 15.35 38.70 2.70
N GLY A 625 15.26 37.39 2.93
CA GLY A 625 16.36 36.58 3.47
C GLY A 625 17.34 36.07 2.42
N ASN A 626 16.87 35.89 1.19
CA ASN A 626 17.75 35.58 0.06
C ASN A 626 18.69 36.74 -0.21
N ARG A 627 18.12 37.94 -0.26
CA ARG A 627 18.89 39.18 -0.28
C ARG A 627 19.96 39.20 0.82
N MET A 628 19.57 38.83 2.04
CA MET A 628 20.46 38.85 3.22
C MET A 628 21.61 37.82 3.19
N ALA A 629 21.42 36.71 2.49
CA ALA A 629 22.50 35.73 2.27
C ALA A 629 23.50 36.19 1.23
N ASP A 630 23.02 36.90 0.21
CA ASP A 630 23.86 37.48 -0.86
C ASP A 630 24.74 38.64 -0.33
N GLN A 631 24.20 39.42 0.60
CA GLN A 631 24.94 40.51 1.28
C GLN A 631 25.91 40.02 2.39
N ALA A 632 25.72 38.80 2.88
CA ALA A 632 26.61 38.19 3.88
C ALA A 632 27.85 37.54 3.25
N ALA A 633 27.66 36.81 2.15
CA ALA A 633 28.75 36.10 1.45
C ALA A 633 29.68 37.00 0.63
N ARG A 634 29.31 38.27 0.43
CA ARG A 634 30.18 39.25 -0.22
C ARG A 634 30.93 40.09 0.81
N LYS A 635 30.19 40.70 1.74
CA LYS A 635 30.79 41.57 2.77
C LYS A 635 31.63 40.75 3.77
N ALA A 636 30.99 39.81 4.47
CA ALA A 636 31.67 38.98 5.49
C ALA A 636 32.43 37.80 4.86
N ALA A 637 33.35 38.14 3.97
CA ALA A 637 34.06 37.18 3.13
C ALA A 637 35.54 37.55 2.94
N ILE A 638 35.83 38.85 2.79
CA ILE A 638 37.22 39.36 2.76
C ILE A 638 37.85 39.49 4.16
N THR A 639 38.23 38.34 4.74
CA THR A 639 38.95 38.25 6.03
C THR A 639 40.23 37.37 5.99
N GLU A 640 40.23 36.29 5.20
CA GLU A 640 41.39 35.40 5.01
C GLU A 640 41.62 35.21 3.51
N PRO B 5 6.53 13.19 -40.57
CA PRO B 5 6.51 12.32 -39.41
C PRO B 5 7.72 12.48 -38.47
N SER B 6 7.47 12.94 -37.23
CA SER B 6 8.48 12.94 -36.14
C SER B 6 7.90 12.19 -34.95
N ALA B 7 8.54 11.11 -34.55
CA ALA B 7 8.04 10.27 -33.46
C ALA B 7 8.40 10.91 -32.12
N ALA B 8 7.61 11.90 -31.75
CA ALA B 8 7.92 12.84 -30.67
C ALA B 8 6.90 13.97 -30.75
N ASP B 9 6.77 14.50 -31.97
CA ASP B 9 5.71 15.44 -32.34
C ASP B 9 4.35 14.72 -32.44
N ARG B 10 4.39 13.47 -32.91
CA ARG B 10 3.24 12.56 -32.89
C ARG B 10 2.79 12.17 -31.49
N ASN B 11 3.73 11.90 -30.60
CA ASN B 11 3.43 11.52 -29.22
C ASN B 11 2.78 12.62 -28.37
N VAL B 12 2.91 13.87 -28.79
CA VAL B 12 2.16 14.99 -28.15
C VAL B 12 0.73 15.04 -28.69
N GLU B 13 0.55 14.78 -29.98
CA GLU B 13 -0.80 14.72 -30.55
C GLU B 13 -1.60 13.63 -29.87
N ILE B 14 -0.97 12.46 -29.68
CA ILE B 14 -1.59 11.32 -28.99
C ILE B 14 -1.86 11.63 -27.50
N TRP B 15 -1.02 12.48 -26.90
CA TRP B 15 -1.31 13.03 -25.57
C TRP B 15 -2.58 13.90 -25.58
N LYS B 16 -2.70 14.79 -26.57
CA LYS B 16 -3.89 15.66 -26.71
C LYS B 16 -5.16 14.87 -27.02
N ILE B 17 -5.03 13.67 -27.58
CA ILE B 17 -6.17 12.74 -27.71
C ILE B 17 -6.51 12.18 -26.32
N LYS B 18 -5.51 11.69 -25.59
CA LYS B 18 -5.71 11.16 -24.22
C LYS B 18 -6.36 12.15 -23.24
N LYS B 19 -6.08 13.45 -23.40
CA LYS B 19 -6.66 14.51 -22.55
C LYS B 19 -8.07 14.92 -22.96
N LEU B 20 -8.38 14.78 -24.25
CA LEU B 20 -9.75 14.95 -24.76
C LEU B 20 -10.66 13.79 -24.36
N ILE B 21 -10.11 12.58 -24.23
CA ILE B 21 -10.87 11.42 -23.74
C ILE B 21 -11.14 11.49 -22.24
N LYS B 22 -10.24 12.16 -21.50
CA LYS B 22 -10.44 12.45 -20.08
C LYS B 22 -11.56 13.47 -19.85
N SER B 23 -11.52 14.58 -20.60
CA SER B 23 -12.44 15.72 -20.40
C SER B 23 -13.86 15.49 -20.93
N LEU B 24 -13.99 14.78 -22.05
CA LEU B 24 -15.30 14.45 -22.64
C LEU B 24 -16.08 13.40 -21.83
N GLU B 25 -15.38 12.40 -21.30
CA GLU B 25 -15.97 11.45 -20.36
C GLU B 25 -16.42 12.11 -19.04
N ALA B 26 -15.66 13.13 -18.59
CA ALA B 26 -15.95 13.88 -17.37
C ALA B 26 -17.22 14.72 -17.49
N ALA B 27 -17.32 15.49 -18.58
CA ALA B 27 -18.50 16.31 -18.86
C ALA B 27 -19.71 15.46 -19.24
N ARG B 28 -20.89 15.84 -18.72
CA ARG B 28 -22.16 15.16 -19.04
C ARG B 28 -23.34 16.13 -18.91
N GLY B 29 -24.27 16.06 -19.86
CA GLY B 29 -25.39 16.98 -19.96
C GLY B 29 -26.63 16.47 -19.26
N ASN B 30 -27.78 16.64 -19.90
CA ASN B 30 -29.08 16.37 -19.29
C ASN B 30 -30.06 15.92 -20.40
N GLY B 31 -30.40 14.63 -20.42
CA GLY B 31 -31.24 14.06 -21.49
C GLY B 31 -30.53 14.06 -22.82
N THR B 32 -31.19 13.60 -23.89
CA THR B 32 -30.58 13.55 -25.24
C THR B 32 -30.10 14.94 -25.69
N SER B 33 -28.84 15.22 -25.36
CA SER B 33 -28.23 16.55 -25.49
C SER B 33 -26.78 16.54 -26.01
N MET B 34 -26.30 15.38 -26.52
CA MET B 34 -24.86 15.16 -26.82
C MET B 34 -24.64 14.41 -28.14
N ILE B 35 -24.18 15.12 -29.17
CA ILE B 35 -23.95 14.58 -30.51
C ILE B 35 -22.46 14.20 -30.67
N SER B 36 -22.19 12.96 -31.10
CA SER B 36 -20.82 12.46 -31.37
C SER B 36 -20.62 12.10 -32.86
N LEU B 37 -20.43 13.12 -33.69
CA LEU B 37 -20.36 12.98 -35.15
C LEU B 37 -18.93 12.80 -35.64
N ILE B 38 -18.68 11.70 -36.36
CA ILE B 38 -17.37 11.42 -36.93
C ILE B 38 -17.51 11.18 -38.43
N ILE B 39 -16.73 11.93 -39.20
CA ILE B 39 -16.75 11.87 -40.66
C ILE B 39 -15.44 11.23 -41.13
N PRO B 40 -15.53 10.26 -42.08
CA PRO B 40 -14.30 9.76 -42.72
C PRO B 40 -13.76 10.74 -43.77
N PRO B 41 -12.64 10.39 -44.45
CA PRO B 41 -12.17 11.21 -45.56
C PRO B 41 -13.09 11.23 -46.79
N LYS B 42 -13.44 10.04 -47.29
CA LYS B 42 -14.07 9.86 -48.63
C LYS B 42 -15.53 10.38 -48.80
N ASP B 43 -16.32 10.35 -47.72
CA ASP B 43 -17.74 10.74 -47.77
C ASP B 43 -17.95 12.25 -47.96
N GLN B 44 -18.95 12.60 -48.78
CA GLN B 44 -19.15 13.98 -49.24
C GLN B 44 -19.69 14.85 -48.10
N ILE B 45 -19.66 16.17 -48.28
CA ILE B 45 -20.08 17.13 -47.23
C ILE B 45 -21.58 17.48 -47.26
N SER B 46 -22.14 17.73 -48.45
CA SER B 46 -23.59 18.01 -48.58
C SER B 46 -24.46 16.78 -48.28
N ARG B 47 -23.88 15.59 -48.43
CA ARG B 47 -24.46 14.32 -47.97
C ARG B 47 -24.73 14.34 -46.47
N VAL B 48 -23.74 14.83 -45.72
CA VAL B 48 -23.83 14.99 -44.27
C VAL B 48 -24.78 16.16 -43.94
N ALA B 49 -24.68 17.26 -44.69
CA ALA B 49 -25.62 18.38 -44.57
C ALA B 49 -27.07 17.93 -44.78
N LYS B 50 -27.26 17.02 -45.73
CA LYS B 50 -28.57 16.42 -46.01
C LYS B 50 -28.98 15.42 -44.91
N MET B 51 -28.03 14.63 -44.40
CA MET B 51 -28.29 13.67 -43.30
C MET B 51 -28.56 14.33 -41.92
N LEU B 52 -28.11 15.58 -41.74
CA LEU B 52 -28.38 16.34 -40.49
C LEU B 52 -29.78 16.95 -40.48
N ALA B 53 -30.11 17.66 -41.55
CA ALA B 53 -31.46 18.19 -41.75
C ALA B 53 -32.53 17.08 -41.84
N ASP B 54 -32.11 15.88 -42.25
CA ASP B 54 -32.93 14.64 -42.11
C ASP B 54 -33.30 14.44 -40.64
N GLU B 55 -32.29 14.42 -39.79
CA GLU B 55 -32.48 14.23 -38.36
C GLU B 55 -33.12 15.43 -37.64
N PHE B 56 -33.00 16.63 -38.21
CA PHE B 56 -33.72 17.83 -37.69
C PHE B 56 -35.26 17.68 -37.75
N GLY B 57 -35.74 17.02 -38.80
CA GLY B 57 -37.16 16.64 -38.92
C GLY B 57 -37.57 15.47 -38.05
N THR B 58 -36.64 14.53 -37.80
CA THR B 58 -36.80 13.45 -36.81
C THR B 58 -36.63 13.93 -35.36
N ALA B 59 -35.98 15.08 -35.19
CA ALA B 59 -35.89 15.80 -33.90
C ALA B 59 -36.94 16.90 -33.72
N SER B 60 -37.72 17.18 -34.77
CA SER B 60 -38.96 17.96 -34.65
C SER B 60 -40.08 17.14 -33.98
N ASN B 61 -40.14 15.83 -34.27
CA ASN B 61 -41.14 14.90 -33.70
C ASN B 61 -40.91 14.41 -32.25
N ILE B 62 -39.72 14.64 -31.69
CA ILE B 62 -39.30 14.12 -30.36
C ILE B 62 -40.37 14.20 -29.26
N LYS B 63 -40.86 15.42 -29.02
CA LYS B 63 -41.91 15.70 -28.02
C LYS B 63 -41.43 15.50 -26.56
N SER B 64 -40.48 16.33 -26.14
CA SER B 64 -39.99 16.37 -24.74
C SER B 64 -39.21 17.67 -24.45
N ARG B 65 -39.86 18.79 -24.77
CA ARG B 65 -39.38 20.19 -24.55
C ARG B 65 -37.85 20.49 -24.41
N VAL B 66 -37.27 20.24 -23.23
CA VAL B 66 -35.90 20.74 -22.92
C VAL B 66 -34.82 20.06 -23.76
N ASN B 67 -34.90 18.73 -23.88
CA ASN B 67 -33.98 17.96 -24.75
C ASN B 67 -34.29 18.09 -26.25
N ARG B 68 -35.54 18.39 -26.59
CA ARG B 68 -35.91 18.75 -27.98
C ARG B 68 -35.25 20.07 -28.38
N LEU B 69 -35.21 21.04 -27.45
CA LEU B 69 -34.45 22.29 -27.62
C LEU B 69 -32.95 22.04 -27.80
N SER B 70 -32.40 21.18 -26.93
CA SER B 70 -30.97 20.86 -26.92
C SER B 70 -30.48 20.22 -28.22
N VAL B 71 -31.26 19.31 -28.78
CA VAL B 71 -30.93 18.64 -30.05
C VAL B 71 -31.02 19.61 -31.23
N LEU B 72 -32.10 20.41 -31.27
CA LEU B 72 -32.32 21.37 -32.36
C LEU B 72 -31.26 22.46 -32.42
N GLY B 73 -30.86 22.97 -31.25
CA GLY B 73 -29.78 23.95 -31.15
C GLY B 73 -28.39 23.39 -31.46
N ALA B 74 -28.19 22.10 -31.19
CA ALA B 74 -26.91 21.41 -31.43
C ALA B 74 -26.72 20.95 -32.88
N ILE B 75 -27.81 20.50 -33.51
CA ILE B 75 -27.82 20.19 -34.95
C ILE B 75 -27.78 21.48 -35.77
N THR B 76 -28.44 22.53 -35.28
CA THR B 76 -28.27 23.89 -35.83
C THR B 76 -26.84 24.40 -35.63
N SER B 77 -26.19 24.03 -34.53
CA SER B 77 -24.79 24.40 -34.27
C SER B 77 -23.77 23.73 -35.22
N VAL B 78 -23.89 22.42 -35.45
CA VAL B 78 -22.95 21.69 -36.32
C VAL B 78 -23.07 22.03 -37.83
N GLN B 79 -24.29 22.30 -38.30
CA GLN B 79 -24.53 22.72 -39.70
C GLN B 79 -23.89 24.08 -40.05
N GLN B 80 -23.86 25.01 -39.09
CA GLN B 80 -23.19 26.33 -39.27
C GLN B 80 -21.67 26.11 -39.34
N ARG B 81 -21.18 25.24 -38.45
CA ARG B 81 -19.76 24.91 -38.31
C ARG B 81 -19.20 24.17 -39.52
N LEU B 82 -19.97 23.20 -40.02
CA LEU B 82 -19.58 22.38 -41.15
C LEU B 82 -19.59 23.15 -42.50
N LYS B 83 -20.38 24.23 -42.58
CA LYS B 83 -20.45 25.08 -43.79
C LYS B 83 -19.19 25.88 -44.07
N LEU B 84 -18.45 26.24 -43.01
CA LEU B 84 -17.19 27.00 -43.17
C LEU B 84 -16.00 26.14 -43.63
N TYR B 85 -16.17 24.81 -43.66
CA TYR B 85 -15.19 23.86 -44.22
C TYR B 85 -15.60 23.38 -45.63
N ASN B 86 -14.88 23.81 -46.67
CA ASN B 86 -15.10 23.27 -48.03
C ASN B 86 -14.61 21.81 -48.13
N LYS B 87 -15.49 20.93 -48.60
CA LYS B 87 -15.35 19.44 -48.57
C LYS B 87 -14.45 18.82 -47.43
N VAL B 88 -13.75 17.71 -47.68
CA VAL B 88 -13.05 16.96 -46.60
C VAL B 88 -11.54 16.98 -46.87
N PRO B 89 -10.72 17.29 -45.84
CA PRO B 89 -9.25 17.21 -45.97
C PRO B 89 -8.71 15.76 -45.92
N PRO B 90 -7.43 15.54 -46.33
CA PRO B 90 -6.90 14.17 -46.54
C PRO B 90 -6.91 13.15 -45.37
N ASN B 91 -7.37 13.57 -44.17
CA ASN B 91 -7.57 12.64 -43.05
C ASN B 91 -9.02 12.38 -42.66
N GLY B 92 -9.87 13.40 -42.72
CA GLY B 92 -11.29 13.29 -42.31
C GLY B 92 -11.69 14.49 -41.46
N LEU B 93 -12.76 14.33 -40.68
CA LEU B 93 -13.21 15.39 -39.74
C LEU B 93 -14.02 14.84 -38.54
N VAL B 94 -13.46 14.95 -37.35
CA VAL B 94 -14.08 14.45 -36.11
C VAL B 94 -14.72 15.63 -35.36
N VAL B 95 -15.92 15.40 -34.81
CA VAL B 95 -16.76 16.46 -34.27
C VAL B 95 -17.50 16.02 -32.99
N TYR B 96 -17.64 16.94 -32.03
CA TYR B 96 -18.40 16.71 -30.80
C TYR B 96 -19.11 18.01 -30.36
N CYS B 97 -20.44 18.00 -30.36
CA CYS B 97 -21.26 19.16 -29.96
C CYS B 97 -22.35 18.76 -28.96
N GLY B 98 -22.55 19.58 -27.92
CA GLY B 98 -23.56 19.35 -26.86
C GLY B 98 -23.42 20.26 -25.64
N THR B 99 -24.51 20.40 -24.87
CA THR B 99 -24.56 21.28 -23.68
C THR B 99 -24.40 20.47 -22.37
N ILE B 100 -23.52 20.96 -21.47
CA ILE B 100 -23.10 20.24 -20.23
C ILE B 100 -22.87 21.17 -19.02
N VAL B 101 -23.02 20.61 -17.80
CA VAL B 101 -22.80 21.35 -16.54
C VAL B 101 -21.31 21.50 -16.21
N THR B 102 -20.87 22.76 -16.06
CA THR B 102 -19.48 23.10 -15.74
C THR B 102 -19.36 23.49 -14.26
N GLU B 103 -18.26 24.11 -13.86
CA GLU B 103 -18.08 24.58 -12.47
C GLU B 103 -18.94 25.81 -12.18
N GLU B 104 -19.41 25.91 -10.92
CA GLU B 104 -20.21 27.04 -10.38
C GLU B 104 -21.69 27.02 -10.86
N GLY B 105 -22.16 25.84 -11.28
CA GLY B 105 -23.43 25.71 -12.00
C GLY B 105 -23.20 25.98 -13.48
N LYS B 106 -23.93 26.96 -14.02
CA LYS B 106 -23.80 27.46 -15.41
C LYS B 106 -24.02 26.42 -16.53
N GLU B 107 -24.14 26.92 -17.76
CA GLU B 107 -24.23 26.08 -18.95
C GLU B 107 -23.00 26.34 -19.83
N LYS B 108 -22.63 25.34 -20.65
CA LYS B 108 -21.41 25.41 -21.46
C LYS B 108 -21.48 24.59 -22.78
N LYS B 109 -21.61 25.31 -23.91
CA LYS B 109 -21.41 24.71 -25.24
C LYS B 109 -19.92 24.49 -25.49
N VAL B 110 -19.56 23.25 -25.82
CA VAL B 110 -18.15 22.85 -26.00
C VAL B 110 -17.62 23.11 -27.43
N ASN B 111 -18.40 22.70 -28.44
CA ASN B 111 -18.09 22.90 -29.88
C ASN B 111 -16.67 22.50 -30.35
N ILE B 112 -16.49 21.22 -30.65
CA ILE B 112 -15.22 20.66 -31.15
C ILE B 112 -15.35 20.27 -32.63
N ASP B 113 -14.35 20.65 -33.44
CA ASP B 113 -14.24 20.18 -34.84
C ASP B 113 -12.79 20.30 -35.36
N PHE B 114 -12.23 19.19 -35.85
CA PHE B 114 -10.78 19.09 -36.18
C PHE B 114 -10.43 17.94 -37.15
N GLU B 115 -9.15 17.87 -37.53
CA GLU B 115 -8.60 16.82 -38.40
C GLU B 115 -7.50 15.99 -37.67
N PRO B 116 -7.76 14.70 -37.37
CA PRO B 116 -6.82 13.84 -36.61
C PRO B 116 -5.64 13.28 -37.48
N PHE B 117 -5.35 11.97 -37.44
CA PHE B 117 -4.52 11.30 -38.48
C PHE B 117 -5.10 9.92 -38.90
N LYS B 118 -5.95 9.98 -39.92
CA LYS B 118 -6.55 8.82 -40.59
C LYS B 118 -7.50 7.98 -39.72
N PRO B 119 -8.81 8.35 -39.72
CA PRO B 119 -9.93 7.44 -39.53
C PRO B 119 -10.66 7.26 -40.88
N ILE B 120 -10.26 6.24 -41.64
CA ILE B 120 -10.66 6.05 -43.07
C ILE B 120 -12.09 5.54 -43.24
N ASN B 121 -12.41 4.45 -42.54
CA ASN B 121 -13.76 3.86 -42.55
C ASN B 121 -14.65 4.36 -41.40
N THR B 122 -14.07 5.10 -40.45
CA THR B 122 -14.80 5.57 -39.26
C THR B 122 -15.94 6.52 -39.67
N SER B 123 -17.16 5.99 -39.70
CA SER B 123 -18.36 6.76 -39.98
C SER B 123 -19.38 6.44 -38.88
N LEU B 124 -19.41 7.33 -37.88
CA LEU B 124 -20.26 7.17 -36.71
C LEU B 124 -21.00 8.47 -36.41
N TYR B 125 -22.29 8.35 -36.05
CA TYR B 125 -23.11 9.48 -35.58
C TYR B 125 -24.05 8.97 -34.48
N LEU B 126 -23.93 9.54 -33.28
CA LEU B 126 -24.73 9.11 -32.12
C LEU B 126 -25.12 10.29 -31.23
N CYS B 127 -26.45 10.47 -31.06
CA CYS B 127 -27.02 11.40 -30.10
C CYS B 127 -27.41 10.63 -28.83
N ASP B 128 -27.10 11.19 -27.67
CA ASP B 128 -27.30 10.49 -26.40
C ASP B 128 -27.15 11.44 -25.22
N ASN B 129 -27.54 10.98 -24.03
CA ASN B 129 -27.26 11.69 -22.76
C ASN B 129 -25.77 11.89 -22.38
N LYS B 130 -24.87 11.12 -23.00
CA LYS B 130 -23.41 11.34 -22.89
C LYS B 130 -22.72 11.14 -24.25
N PHE B 131 -21.52 11.73 -24.39
CA PHE B 131 -20.74 11.60 -25.62
C PHE B 131 -20.31 10.15 -25.88
N HIS B 132 -19.84 9.86 -27.10
CA HIS B 132 -19.31 8.54 -27.47
C HIS B 132 -17.88 8.65 -28.04
N THR B 133 -16.89 8.30 -27.21
CA THR B 133 -15.46 8.47 -27.52
C THR B 133 -14.74 7.15 -27.75
N GLU B 134 -15.44 6.20 -28.37
CA GLU B 134 -14.86 4.86 -28.61
C GLU B 134 -13.96 4.85 -29.87
N ALA B 135 -14.29 5.67 -30.86
CA ALA B 135 -13.52 5.76 -32.12
C ALA B 135 -12.18 6.48 -31.98
N LEU B 136 -12.12 7.47 -31.10
CA LEU B 136 -10.88 8.23 -30.84
C LEU B 136 -9.84 7.35 -30.17
N THR B 137 -10.25 6.66 -29.10
CA THR B 137 -9.38 5.69 -28.43
C THR B 137 -8.99 4.47 -29.29
N ALA B 138 -9.74 4.22 -30.37
CA ALA B 138 -9.33 3.24 -31.39
C ALA B 138 -8.11 3.69 -32.21
N LEU B 139 -7.87 5.01 -32.27
CA LEU B 139 -6.63 5.55 -32.87
C LEU B 139 -5.38 5.25 -32.03
N LEU B 140 -5.55 4.93 -30.74
CA LEU B 140 -4.44 4.59 -29.85
C LEU B 140 -4.35 3.08 -29.61
N SER B 141 -4.17 2.32 -30.70
CA SER B 141 -3.79 0.93 -30.65
C SER B 141 -2.53 0.65 -31.51
N ASP B 142 -1.89 1.72 -32.00
CA ASP B 142 -0.87 1.62 -33.04
C ASP B 142 0.47 1.14 -32.50
N ASP B 143 0.67 -0.17 -32.52
CA ASP B 143 1.97 -0.76 -32.27
C ASP B 143 2.82 -0.55 -33.52
N SER B 144 3.96 0.11 -33.32
CA SER B 144 4.85 0.50 -34.40
C SER B 144 5.71 -0.69 -34.90
N LYS B 145 6.53 -0.43 -35.92
CA LYS B 145 7.46 -1.42 -36.50
C LYS B 145 8.61 -1.67 -35.54
N PHE B 146 8.71 -2.90 -35.00
CA PHE B 146 9.76 -3.27 -34.03
C PHE B 146 10.76 -4.28 -34.60
N GLY B 147 12.05 -3.92 -34.51
CA GLY B 147 13.12 -4.67 -35.16
C GLY B 147 13.72 -5.76 -34.29
N PHE B 148 14.33 -6.74 -34.95
CA PHE B 148 14.87 -7.92 -34.29
C PHE B 148 16.18 -8.39 -34.93
N ILE B 149 17.15 -8.70 -34.07
CA ILE B 149 18.42 -9.31 -34.46
C ILE B 149 18.70 -10.48 -33.50
N VAL B 150 19.05 -11.63 -34.06
CA VAL B 150 19.39 -12.84 -33.30
C VAL B 150 20.68 -13.38 -33.88
N ILE B 151 21.66 -13.66 -33.02
CA ILE B 151 22.96 -14.15 -33.48
C ILE B 151 23.35 -15.45 -32.78
N ASP B 152 23.95 -16.34 -33.57
CA ASP B 152 24.46 -17.62 -33.12
C ASP B 152 25.70 -18.01 -33.93
N GLY B 153 26.48 -18.95 -33.40
CA GLY B 153 27.68 -19.45 -34.07
C GLY B 153 27.46 -19.87 -35.52
N SER B 154 26.35 -20.55 -35.77
CA SER B 154 26.03 -21.07 -37.11
C SER B 154 25.68 -19.96 -38.09
N GLY B 155 24.70 -19.13 -37.70
CA GLY B 155 24.20 -18.05 -38.54
C GLY B 155 23.43 -16.97 -37.79
N ALA B 156 22.76 -16.10 -38.55
CA ALA B 156 21.98 -14.97 -38.01
C ALA B 156 20.69 -14.74 -38.79
N LEU B 157 19.66 -14.25 -38.08
CA LEU B 157 18.36 -13.87 -38.67
C LEU B 157 18.04 -12.41 -38.37
N PHE B 158 17.44 -11.74 -39.36
CA PHE B 158 16.97 -10.35 -39.24
C PHE B 158 15.47 -10.35 -39.59
N GLY B 159 14.68 -9.54 -38.87
CA GLY B 159 13.23 -9.51 -39.08
C GLY B 159 12.46 -8.45 -38.29
N THR B 160 11.13 -8.65 -38.20
CA THR B 160 10.18 -7.66 -37.66
C THR B 160 8.98 -8.29 -36.94
N LEU B 161 8.64 -7.73 -35.76
CA LEU B 161 7.44 -8.09 -35.01
C LEU B 161 6.53 -6.87 -34.84
N GLN B 162 5.54 -6.74 -35.73
CA GLN B 162 4.62 -5.58 -35.74
C GLN B 162 3.30 -5.93 -35.02
N GLY B 163 3.34 -5.84 -33.68
CA GLY B 163 2.20 -6.21 -32.83
C GLY B 163 2.25 -7.67 -32.42
N ASN B 164 1.50 -8.52 -33.14
CA ASN B 164 1.39 -9.96 -32.86
C ASN B 164 1.82 -10.88 -34.02
N THR B 165 1.30 -10.62 -35.22
CA THR B 165 1.71 -11.38 -36.42
C THR B 165 3.19 -11.05 -36.73
N ARG B 166 4.00 -12.11 -36.91
CA ARG B 166 5.47 -12.02 -36.99
C ARG B 166 5.96 -11.99 -38.44
N GLU B 167 7.12 -11.37 -38.67
CA GLU B 167 7.77 -11.33 -40.00
C GLU B 167 9.27 -11.70 -39.89
N VAL B 168 9.84 -12.17 -41.01
CA VAL B 168 11.28 -12.44 -41.16
C VAL B 168 11.82 -11.83 -42.47
N LEU B 169 13.09 -11.37 -42.47
CA LEU B 169 13.69 -10.67 -43.61
C LEU B 169 14.91 -11.40 -44.22
N HIS B 170 16.12 -11.14 -43.72
CA HIS B 170 17.38 -11.70 -44.29
C HIS B 170 17.89 -12.87 -43.45
N LYS B 171 17.96 -14.04 -44.07
CA LYS B 171 18.60 -15.20 -43.46
C LYS B 171 20.02 -15.27 -44.02
N PHE B 172 21.02 -15.00 -43.17
CA PHE B 172 22.43 -15.03 -43.57
C PHE B 172 23.22 -15.82 -42.54
N THR B 173 24.20 -16.59 -43.01
CA THR B 173 25.13 -17.33 -42.15
C THR B 173 26.56 -16.98 -42.54
N VAL B 174 27.46 -17.03 -41.57
CA VAL B 174 28.90 -16.84 -41.78
C VAL B 174 29.64 -17.95 -41.03
N ASP B 175 30.56 -18.61 -41.75
CA ASP B 175 31.31 -19.73 -41.19
C ASP B 175 32.43 -19.25 -40.28
N LEU B 176 32.57 -19.93 -39.14
CA LEU B 176 33.72 -19.78 -38.24
C LEU B 176 34.06 -21.17 -37.65
N PRO B 177 35.36 -21.48 -37.44
CA PRO B 177 35.69 -22.86 -37.06
C PRO B 177 35.16 -23.29 -35.68
N LYS B 178 34.73 -24.55 -35.57
CA LYS B 178 34.21 -25.11 -34.31
C LYS B 178 35.28 -25.98 -33.64
N LYS B 179 35.09 -26.22 -32.33
CA LYS B 179 35.98 -27.06 -31.50
C LYS B 179 37.45 -26.56 -31.61
N HIS B 180 38.44 -27.45 -31.46
CA HIS B 180 39.85 -27.10 -31.67
C HIS B 180 40.55 -28.16 -32.54
N GLY B 181 40.67 -27.89 -33.84
CA GLY B 181 41.43 -28.75 -34.76
C GLY B 181 42.92 -28.52 -34.57
N ARG B 182 43.60 -29.45 -33.92
CA ARG B 182 45.02 -29.28 -33.57
C ARG B 182 45.85 -30.10 -34.54
N GLY B 183 45.85 -29.66 -35.80
CA GLY B 183 46.60 -30.29 -36.89
C GLY B 183 48.04 -29.80 -36.94
N GLY B 184 48.55 -29.56 -38.15
CA GLY B 184 49.97 -29.24 -38.36
C GLY B 184 50.46 -27.84 -37.99
N GLN B 185 49.67 -27.10 -37.18
CA GLN B 185 50.06 -25.79 -36.67
C GLN B 185 50.44 -25.95 -35.16
N SER B 186 50.00 -25.04 -34.29
CA SER B 186 50.30 -25.11 -32.85
C SER B 186 49.04 -24.92 -32.01
N ALA B 187 49.19 -24.99 -30.69
CA ALA B 187 48.09 -24.81 -29.75
C ALA B 187 47.27 -23.54 -30.02
N LEU B 188 47.94 -22.38 -30.04
CA LEU B 188 47.27 -21.08 -30.11
C LEU B 188 46.95 -20.55 -31.51
N ARG B 189 47.42 -21.23 -32.56
CA ARG B 189 47.23 -20.73 -33.93
C ARG B 189 45.79 -20.66 -34.41
N PHE B 190 44.87 -21.32 -33.70
CA PHE B 190 43.43 -21.29 -34.00
C PHE B 190 42.69 -20.22 -33.16
N ALA B 191 43.17 -19.93 -31.95
CA ALA B 191 42.63 -18.84 -31.10
C ALA B 191 42.57 -17.49 -31.82
N ARG B 192 43.64 -17.15 -32.54
CA ARG B 192 43.70 -15.94 -33.37
C ARG B 192 42.67 -15.92 -34.47
N LEU B 193 42.43 -17.08 -35.09
CA LEU B 193 41.46 -17.21 -36.17
C LEU B 193 40.01 -17.15 -35.68
N ARG B 194 39.80 -17.34 -34.37
CA ARG B 194 38.47 -17.26 -33.76
C ARG B 194 37.98 -15.82 -33.61
N MET B 195 38.78 -14.95 -32.98
CA MET B 195 38.43 -13.52 -32.88
C MET B 195 38.34 -12.86 -34.27
N GLU B 196 39.32 -13.16 -35.13
CA GLU B 196 39.34 -12.70 -36.53
C GLU B 196 37.97 -12.84 -37.20
N LYS B 197 37.48 -14.07 -37.27
CA LYS B 197 36.25 -14.39 -38.01
C LYS B 197 34.96 -14.00 -37.27
N ARG B 198 35.04 -13.90 -35.92
CA ARG B 198 33.94 -13.41 -35.09
C ARG B 198 33.75 -11.91 -35.30
N HIS B 199 34.83 -11.16 -35.13
CA HIS B 199 34.82 -9.72 -35.38
C HIS B 199 34.50 -9.38 -36.85
N ASN B 200 34.92 -10.23 -37.78
CA ASN B 200 34.48 -10.13 -39.19
C ASN B 200 32.98 -10.29 -39.30
N TYR B 201 32.45 -11.32 -38.65
CA TYR B 201 31.02 -11.62 -38.62
C TYR B 201 30.20 -10.48 -37.98
N VAL B 202 30.73 -9.92 -36.90
CA VAL B 202 30.06 -8.81 -36.20
C VAL B 202 29.98 -7.54 -37.08
N ARG B 203 31.05 -7.23 -37.80
CA ARG B 203 31.05 -6.12 -38.78
C ARG B 203 30.02 -6.30 -39.88
N LYS B 204 29.91 -7.53 -40.39
CA LYS B 204 28.92 -7.87 -41.42
C LYS B 204 27.51 -7.76 -40.88
N VAL B 205 27.33 -8.13 -39.61
CA VAL B 205 26.06 -7.92 -38.92
C VAL B 205 25.76 -6.43 -38.83
N ALA B 206 26.76 -5.65 -38.43
CA ALA B 206 26.61 -4.19 -38.28
C ALA B 206 26.21 -3.50 -39.60
N GLU B 207 26.86 -3.88 -40.70
CA GLU B 207 26.57 -3.31 -42.02
C GLU B 207 25.20 -3.75 -42.57
N THR B 208 24.85 -5.03 -42.39
CA THR B 208 23.57 -5.57 -42.86
C THR B 208 22.37 -4.92 -42.13
N ALA B 209 22.53 -4.66 -40.84
CA ALA B 209 21.52 -3.94 -40.03
C ALA B 209 21.40 -2.47 -40.42
N VAL B 210 22.54 -1.87 -40.77
CA VAL B 210 22.61 -0.49 -41.28
C VAL B 210 21.84 -0.31 -42.60
N GLN B 211 21.81 -1.35 -43.45
CA GLN B 211 21.15 -1.27 -44.76
C GLN B 211 19.61 -1.32 -44.69
N LEU B 212 19.08 -2.44 -44.19
CA LEU B 212 17.65 -2.76 -44.35
C LEU B 212 16.69 -1.94 -43.47
N PHE B 213 17.06 -1.71 -42.21
CA PHE B 213 16.19 -1.01 -41.25
C PHE B 213 16.11 0.50 -41.44
N ILE B 214 17.19 1.14 -41.86
CA ILE B 214 17.26 2.61 -41.91
C ILE B 214 16.46 3.18 -43.10
N SER B 215 16.64 2.59 -44.28
CA SER B 215 15.96 3.00 -45.52
C SER B 215 16.57 4.30 -46.13
N GLY B 216 16.68 5.36 -45.35
CA GLY B 216 17.46 6.55 -45.74
C GLY B 216 17.34 7.67 -44.72
N ASP B 217 16.49 8.65 -45.04
CA ASP B 217 16.07 9.69 -44.09
C ASP B 217 15.03 9.04 -43.17
N LYS B 218 15.15 9.33 -41.85
CA LYS B 218 14.36 8.69 -40.78
C LYS B 218 14.48 7.14 -40.70
N VAL B 219 14.80 6.60 -39.52
CA VAL B 219 14.84 5.12 -39.32
C VAL B 219 13.44 4.47 -39.39
N ASN B 220 13.29 3.53 -40.34
CA ASN B 220 12.03 2.78 -40.59
C ASN B 220 11.44 2.16 -39.32
N VAL B 221 12.33 1.58 -38.51
CA VAL B 221 11.95 0.85 -37.31
C VAL B 221 11.92 1.79 -36.09
N ALA B 222 10.82 1.72 -35.33
CA ALA B 222 10.63 2.55 -34.13
C ALA B 222 11.48 2.10 -32.94
N GLY B 223 11.71 0.80 -32.81
CA GLY B 223 12.62 0.28 -31.79
C GLY B 223 13.16 -1.12 -32.07
N LEU B 224 14.38 -1.41 -31.59
CA LEU B 224 15.08 -2.69 -31.85
C LEU B 224 15.25 -3.52 -30.57
N VAL B 225 15.33 -4.85 -30.71
CA VAL B 225 15.71 -5.73 -29.60
C VAL B 225 16.73 -6.75 -30.05
N LEU B 226 17.75 -6.95 -29.21
CA LEU B 226 18.91 -7.75 -29.55
C LEU B 226 18.86 -9.07 -28.78
N ALA B 227 19.47 -10.11 -29.34
CA ALA B 227 19.51 -11.43 -28.71
C ALA B 227 20.67 -12.29 -29.22
N GLY B 228 21.13 -13.21 -28.37
CA GLY B 228 22.21 -14.10 -28.76
C GLY B 228 22.62 -15.16 -27.74
N SER B 229 23.62 -15.94 -28.13
CA SER B 229 24.06 -17.09 -27.37
C SER B 229 25.35 -16.81 -26.60
N ALA B 230 26.43 -16.50 -27.33
CA ALA B 230 27.79 -16.37 -26.80
C ALA B 230 28.13 -14.92 -26.35
N ASP B 231 29.28 -14.38 -26.75
CA ASP B 231 29.64 -12.96 -26.47
C ASP B 231 28.81 -11.99 -27.32
N PHE B 232 28.19 -12.50 -28.39
CA PHE B 232 27.23 -11.76 -29.24
C PHE B 232 26.15 -11.01 -28.45
N LYS B 233 25.79 -11.57 -27.31
CA LYS B 233 24.95 -10.91 -26.29
C LYS B 233 25.77 -10.22 -25.18
N THR B 234 26.85 -9.55 -25.57
CA THR B 234 27.67 -8.68 -24.71
C THR B 234 28.50 -7.78 -25.63
N GLU B 235 29.32 -8.43 -26.46
CA GLU B 235 30.11 -7.82 -27.54
C GLU B 235 29.44 -6.66 -28.28
N LEU B 236 28.18 -6.83 -28.66
CA LEU B 236 27.47 -5.83 -29.46
C LEU B 236 27.01 -4.61 -28.67
N SER B 237 26.66 -4.83 -27.40
CA SER B 237 26.18 -3.77 -26.51
C SER B 237 27.28 -2.80 -26.08
N GLN B 238 28.37 -3.37 -25.57
CA GLN B 238 29.49 -2.60 -25.03
C GLN B 238 30.25 -1.86 -26.14
N SER B 239 30.78 -2.62 -27.09
CA SER B 239 31.47 -2.09 -28.27
C SER B 239 30.44 -1.47 -29.21
N ASP B 240 30.75 -0.28 -29.71
CA ASP B 240 29.85 0.42 -30.61
C ASP B 240 30.22 0.16 -32.09
N MET B 241 30.59 -1.09 -32.38
CA MET B 241 30.49 -1.66 -33.73
C MET B 241 29.04 -1.60 -34.20
N PHE B 242 28.12 -1.64 -33.24
CA PHE B 242 26.70 -1.57 -33.51
C PHE B 242 26.15 -0.15 -33.79
N ASP B 243 26.72 0.86 -33.16
CA ASP B 243 26.28 2.24 -33.40
C ASP B 243 26.60 2.72 -34.82
N GLN B 244 25.64 3.44 -35.39
CA GLN B 244 25.74 4.06 -36.72
C GLN B 244 24.56 5.01 -36.95
N ARG B 245 23.40 4.61 -36.47
CA ARG B 245 22.22 5.47 -36.40
C ARG B 245 21.22 4.85 -35.40
N LEU B 246 20.85 3.61 -35.70
CA LEU B 246 19.95 2.76 -34.92
C LEU B 246 20.32 2.33 -33.49
N GLN B 247 21.55 2.59 -33.02
CA GLN B 247 21.96 2.18 -31.66
C GLN B 247 21.16 2.85 -30.54
N SER B 248 20.78 4.10 -30.75
CA SER B 248 19.94 4.81 -29.79
C SER B 248 18.54 4.20 -29.70
N LYS B 249 18.05 3.67 -30.82
CA LYS B 249 16.71 3.05 -30.87
C LYS B 249 16.60 1.66 -30.18
N VAL B 250 17.69 1.15 -29.60
CA VAL B 250 17.68 -0.19 -28.96
C VAL B 250 16.91 -0.24 -27.65
N LEU B 251 15.93 -1.14 -27.56
CA LEU B 251 15.23 -1.37 -26.31
C LEU B 251 16.11 -2.22 -25.39
N LYS B 252 15.96 -3.54 -25.41
CA LYS B 252 16.68 -4.39 -24.44
C LYS B 252 17.31 -5.62 -25.05
N LEU B 253 18.43 -6.00 -24.43
CA LEU B 253 19.28 -7.09 -24.88
C LEU B 253 18.84 -8.37 -24.19
N VAL B 254 18.46 -9.36 -25.00
CA VAL B 254 17.85 -10.59 -24.52
C VAL B 254 18.86 -11.75 -24.58
N ASP B 255 18.71 -12.71 -23.68
CA ASP B 255 19.56 -13.90 -23.61
C ASP B 255 18.77 -15.07 -24.18
N ILE B 256 19.37 -15.81 -25.12
CA ILE B 256 18.70 -16.97 -25.73
C ILE B 256 19.67 -18.11 -26.06
N SER B 257 19.09 -19.31 -26.18
CA SER B 257 19.78 -20.50 -26.66
C SER B 257 19.46 -20.67 -28.16
N TYR B 258 19.42 -21.91 -28.67
CA TYR B 258 18.96 -22.25 -30.03
C TYR B 258 19.65 -21.52 -31.19
N GLY B 259 19.36 -20.22 -31.33
CA GLY B 259 20.05 -19.36 -32.29
C GLY B 259 19.67 -19.46 -33.76
N GLY B 260 18.59 -20.16 -34.07
CA GLY B 260 18.08 -20.26 -35.44
C GLY B 260 16.88 -19.36 -35.63
N GLU B 261 15.83 -19.90 -36.24
CA GLU B 261 14.51 -19.25 -36.35
C GLU B 261 13.62 -19.49 -35.12
N ASN B 262 13.98 -20.47 -34.28
CA ASN B 262 13.31 -20.72 -32.98
C ASN B 262 13.94 -19.92 -31.83
N GLY B 263 15.11 -19.33 -32.07
CA GLY B 263 15.63 -18.27 -31.23
C GLY B 263 14.81 -17.00 -31.42
N PHE B 264 14.47 -16.69 -32.67
CA PHE B 264 13.58 -15.56 -33.03
C PHE B 264 12.33 -15.56 -32.16
N ASN B 265 11.72 -16.72 -32.03
CA ASN B 265 10.43 -16.87 -31.36
C ASN B 265 10.48 -17.01 -29.84
N GLN B 266 11.67 -17.23 -29.29
CA GLN B 266 11.93 -17.07 -27.85
C GLN B 266 12.08 -15.60 -27.51
N ALA B 267 12.80 -14.88 -28.37
CA ALA B 267 13.04 -13.46 -28.21
C ALA B 267 11.75 -12.65 -28.26
N ILE B 268 10.90 -12.90 -29.25
CA ILE B 268 9.62 -12.17 -29.37
C ILE B 268 8.68 -12.44 -28.18
N GLU B 269 8.83 -13.62 -27.57
CA GLU B 269 8.01 -14.04 -26.44
C GLU B 269 8.52 -13.50 -25.11
N LEU B 270 9.85 -13.42 -24.96
CA LEU B 270 10.46 -12.75 -23.81
C LEU B 270 10.45 -11.21 -23.90
N SER B 271 10.15 -10.64 -25.07
CA SER B 271 10.11 -9.19 -25.29
C SER B 271 8.75 -8.67 -25.75
N THR B 272 7.67 -9.24 -25.22
CA THR B 272 6.31 -8.76 -25.52
C THR B 272 5.97 -7.55 -24.65
N GLU B 273 6.37 -7.62 -23.39
CA GLU B 273 6.17 -6.50 -22.45
C GLU B 273 6.94 -5.24 -22.82
N VAL B 274 8.19 -5.41 -23.27
CA VAL B 274 9.10 -4.27 -23.49
C VAL B 274 8.76 -3.49 -24.77
N LEU B 275 8.24 -4.18 -25.78
CA LEU B 275 7.81 -3.52 -27.03
C LEU B 275 6.56 -2.66 -26.86
N SER B 276 5.66 -3.06 -25.96
CA SER B 276 4.47 -2.27 -25.65
C SER B 276 4.75 -1.07 -24.73
N ASN B 277 5.88 -1.14 -24.01
CA ASN B 277 6.34 -0.09 -23.09
C ASN B 277 7.43 0.81 -23.72
N VAL B 278 7.14 1.29 -24.93
CA VAL B 278 8.03 2.19 -25.67
C VAL B 278 8.25 3.46 -24.86
N LYS B 279 7.14 4.10 -24.52
CA LYS B 279 7.13 5.40 -23.83
C LYS B 279 7.94 5.35 -22.54
N PHE B 280 7.79 4.26 -21.77
CA PHE B 280 8.50 4.11 -20.49
C PHE B 280 10.01 3.94 -20.62
N ILE B 281 10.43 3.13 -21.57
CA ILE B 281 11.85 2.93 -21.81
C ILE B 281 12.46 4.18 -22.46
N GLN B 282 11.78 4.74 -23.45
CA GLN B 282 12.25 5.97 -24.10
C GLN B 282 12.26 7.15 -23.12
N GLU B 283 11.29 7.20 -22.21
CA GLU B 283 11.30 8.19 -21.13
C GLU B 283 12.56 8.11 -20.29
N LYS B 284 12.88 6.92 -19.82
CA LYS B 284 14.04 6.73 -18.95
C LYS B 284 15.37 7.01 -19.68
N LYS B 285 15.40 6.87 -21.01
CA LYS B 285 16.57 7.29 -21.80
C LYS B 285 16.67 8.81 -21.90
N LEU B 286 15.54 9.47 -22.17
CA LEU B 286 15.49 10.93 -22.30
C LEU B 286 15.78 11.68 -20.99
N ILE B 287 15.25 11.17 -19.87
CA ILE B 287 15.61 11.67 -18.53
C ILE B 287 17.07 11.31 -18.24
N GLY B 288 17.46 10.10 -18.68
CA GLY B 288 18.84 9.63 -18.57
C GLY B 288 19.84 10.62 -19.13
N ARG B 289 19.62 11.07 -20.37
CA ARG B 289 20.52 12.04 -21.00
C ARG B 289 20.42 13.44 -20.38
N TYR B 290 19.25 13.80 -19.84
CA TYR B 290 19.10 15.05 -19.07
C TYR B 290 20.03 15.06 -17.86
N PHE B 291 20.00 14.00 -17.07
CA PHE B 291 20.84 13.89 -15.86
C PHE B 291 22.33 13.77 -16.17
N ASP B 292 22.68 13.07 -17.25
CA ASP B 292 24.07 13.04 -17.75
C ASP B 292 24.60 14.44 -18.11
N GLU B 293 23.69 15.34 -18.50
CA GLU B 293 24.04 16.72 -18.83
C GLU B 293 24.44 17.54 -17.61
N ILE B 294 23.83 17.24 -16.47
CA ILE B 294 24.19 17.84 -15.18
C ILE B 294 25.45 17.20 -14.57
N SER B 295 25.60 15.89 -14.78
CA SER B 295 26.77 15.13 -14.33
C SER B 295 28.09 15.61 -14.94
N GLN B 296 28.10 15.75 -16.27
CA GLN B 296 29.27 16.28 -16.98
C GLN B 296 29.51 17.78 -16.78
N ASP B 297 28.60 18.47 -16.08
CA ASP B 297 28.63 19.93 -15.88
C ASP B 297 28.72 20.64 -17.22
N THR B 298 28.08 20.05 -18.23
CA THR B 298 28.20 20.55 -19.60
C THR B 298 27.21 21.69 -19.89
N GLY B 299 26.42 22.08 -18.88
CA GLY B 299 25.65 23.33 -18.91
C GLY B 299 24.70 23.49 -20.08
N LYS B 300 24.17 22.36 -20.56
CA LYS B 300 23.24 22.34 -21.66
C LYS B 300 21.84 22.00 -21.14
N TYR B 301 21.53 22.41 -19.90
CA TYR B 301 20.26 22.07 -19.26
C TYR B 301 19.60 23.29 -18.64
N CYS B 302 18.36 23.13 -18.23
CA CYS B 302 17.66 24.13 -17.44
C CYS B 302 16.49 23.48 -16.71
N PHE B 303 15.89 24.23 -15.79
CA PHE B 303 14.83 23.69 -14.93
C PHE B 303 14.11 24.82 -14.22
N GLY B 304 12.93 24.49 -13.69
CA GLY B 304 12.08 25.50 -13.08
C GLY B 304 11.43 26.33 -14.16
N VAL B 305 10.43 27.10 -13.78
CA VAL B 305 9.52 27.72 -14.74
C VAL B 305 10.20 28.90 -15.46
N GLU B 306 10.69 29.89 -14.69
CA GLU B 306 11.24 31.12 -15.28
C GLU B 306 12.49 30.89 -16.13
N ASP B 307 13.22 29.82 -15.82
CA ASP B 307 14.41 29.46 -16.59
C ASP B 307 14.05 28.76 -17.90
N THR B 308 12.98 27.96 -17.84
CA THR B 308 12.48 27.24 -19.03
C THR B 308 12.00 28.25 -20.08
N LEU B 309 11.03 29.09 -19.72
CA LEU B 309 10.46 30.11 -20.64
C LEU B 309 11.51 31.05 -21.24
N LYS B 310 12.59 31.28 -20.50
CA LYS B 310 13.76 32.01 -21.00
C LYS B 310 14.44 31.21 -22.12
N ALA B 311 14.67 29.92 -21.87
CA ALA B 311 15.24 29.01 -22.89
C ALA B 311 14.35 28.82 -24.12
N LEU B 312 13.03 28.93 -23.90
CA LEU B 312 12.05 28.87 -24.99
C LEU B 312 12.11 30.10 -25.91
N GLU B 313 11.96 31.29 -25.33
CA GLU B 313 11.94 32.53 -26.12
C GLU B 313 13.30 32.83 -26.78
N MET B 314 14.38 32.44 -26.11
CA MET B 314 15.74 32.49 -26.70
C MET B 314 15.99 31.48 -27.83
N GLY B 315 15.24 30.37 -27.81
CA GLY B 315 15.41 29.32 -28.81
C GLY B 315 16.71 28.54 -28.69
N ALA B 316 17.32 28.56 -27.50
CA ALA B 316 18.43 27.68 -27.19
C ALA B 316 17.91 26.25 -27.07
N VAL B 317 16.81 26.10 -26.32
CA VAL B 317 16.18 24.80 -26.05
C VAL B 317 15.98 23.96 -27.31
N GLU B 318 16.59 22.78 -27.29
CA GLU B 318 16.38 21.78 -28.31
C GLU B 318 15.12 21.03 -27.90
N ILE B 319 15.22 20.26 -26.81
CA ILE B 319 14.18 19.33 -26.37
C ILE B 319 13.59 19.79 -25.05
N LEU B 320 12.28 20.07 -25.05
CA LEU B 320 11.52 20.38 -23.84
C LEU B 320 10.97 19.13 -23.22
N ILE B 321 11.15 19.03 -21.91
CA ILE B 321 10.77 17.86 -21.13
C ILE B 321 9.86 18.31 -20.00
N VAL B 322 8.57 18.00 -20.13
CA VAL B 322 7.56 18.46 -19.16
C VAL B 322 6.72 17.31 -18.67
N TYR B 323 6.39 17.38 -17.38
CA TYR B 323 5.53 16.41 -16.74
C TYR B 323 4.11 16.66 -17.25
N GLU B 324 3.40 15.57 -17.50
CA GLU B 324 2.01 15.63 -18.01
C GLU B 324 1.03 16.30 -17.06
N ASN B 325 1.25 16.11 -15.75
CA ASN B 325 0.42 16.68 -14.69
C ASN B 325 1.12 17.86 -14.02
N LEU B 326 1.06 19.00 -14.70
CA LEU B 326 1.52 20.28 -14.17
C LEU B 326 0.34 21.10 -13.62
N ASP B 327 0.35 21.36 -12.31
CA ASP B 327 -0.74 22.07 -11.62
C ASP B 327 -0.81 23.55 -12.00
N ILE B 328 0.35 24.14 -12.25
CA ILE B 328 0.47 25.49 -12.83
C ILE B 328 -0.52 25.77 -13.98
N MET B 329 -0.98 27.02 -14.05
CA MET B 329 -1.71 27.56 -15.20
C MET B 329 -0.90 28.73 -15.73
N ARG B 330 -1.17 29.14 -16.98
CA ARG B 330 -0.69 30.44 -17.48
C ARG B 330 -1.88 31.39 -17.59
N TYR B 331 -1.59 32.70 -17.52
CA TYR B 331 -2.64 33.73 -17.50
C TYR B 331 -2.25 34.97 -18.30
N VAL B 332 -3.23 35.55 -18.99
CA VAL B 332 -3.07 36.74 -19.82
C VAL B 332 -4.34 37.61 -19.76
N LEU B 333 -4.18 38.86 -19.33
CA LEU B 333 -5.32 39.75 -19.03
C LEU B 333 -5.11 41.21 -19.47
N HIS B 334 -6.18 41.99 -19.32
CA HIS B 334 -6.20 43.43 -19.61
C HIS B 334 -5.71 44.28 -18.42
N CYS B 335 -5.91 43.79 -17.19
CA CYS B 335 -5.34 44.40 -15.97
C CYS B 335 -5.97 45.76 -15.63
N GLN B 336 -5.31 46.49 -14.75
CA GLN B 336 -5.52 47.93 -14.60
C GLN B 336 -4.49 48.67 -15.46
N GLY B 337 -4.91 49.80 -16.04
CA GLY B 337 -4.06 50.59 -16.92
C GLY B 337 -3.90 50.02 -18.32
N THR B 338 -4.91 49.28 -18.78
CA THR B 338 -5.05 48.77 -20.16
C THR B 338 -3.77 48.25 -20.87
N GLU B 339 -3.20 47.17 -20.33
CA GLU B 339 -1.97 46.56 -20.87
C GLU B 339 -2.05 45.02 -20.87
N GLU B 340 -1.00 44.38 -21.37
CA GLU B 340 -1.00 42.94 -21.65
C GLU B 340 0.30 42.23 -21.22
N GLU B 341 0.18 41.32 -20.25
CA GLU B 341 1.35 40.61 -19.66
C GLU B 341 0.99 39.15 -19.31
N LYS B 342 1.99 38.38 -18.85
CA LYS B 342 1.89 36.92 -18.61
C LYS B 342 2.46 36.56 -17.23
N ILE B 343 1.67 35.89 -16.39
CA ILE B 343 2.03 35.67 -14.95
C ILE B 343 2.44 34.26 -14.56
N LEU B 344 1.62 33.27 -14.91
CA LEU B 344 1.86 31.85 -14.58
C LEU B 344 1.84 31.53 -13.06
N TYR B 345 0.65 31.28 -12.51
CA TYR B 345 0.47 31.02 -11.07
C TYR B 345 0.64 29.53 -10.70
N LEU B 346 0.83 29.28 -9.42
CA LEU B 346 0.90 27.95 -8.84
C LEU B 346 -0.33 27.70 -7.95
N THR B 347 -0.45 28.51 -6.89
CA THR B 347 -1.49 28.42 -5.86
C THR B 347 -2.55 29.53 -6.01
N PRO B 348 -3.86 29.21 -5.84
CA PRO B 348 -4.91 30.25 -5.91
C PRO B 348 -4.83 31.34 -4.83
N GLU B 349 -5.41 32.49 -5.16
CA GLU B 349 -5.36 33.68 -4.30
C GLU B 349 -6.51 33.64 -3.30
N SER B 371 -8.89 31.01 -19.84
CA SER B 371 -7.53 30.50 -19.91
C SER B 371 -7.50 28.96 -19.77
N MET B 372 -6.28 28.39 -19.77
CA MET B 372 -6.09 26.93 -19.74
C MET B 372 -4.78 26.52 -19.04
N PRO B 373 -4.56 25.19 -18.82
CA PRO B 373 -3.25 24.67 -18.39
C PRO B 373 -2.05 25.06 -19.27
N LEU B 374 -0.86 25.05 -18.67
CA LEU B 374 0.39 25.42 -19.35
C LEU B 374 0.97 24.26 -20.15
N LEU B 375 0.75 23.05 -19.67
CA LEU B 375 1.07 21.82 -20.41
C LEU B 375 0.29 21.74 -21.74
N GLU B 376 -0.98 22.18 -21.68
CA GLU B 376 -1.85 22.30 -22.86
C GLU B 376 -1.35 23.38 -23.84
N TRP B 377 -0.87 24.50 -23.31
CA TRP B 377 -0.29 25.60 -24.11
C TRP B 377 0.96 25.18 -24.84
N PHE B 378 1.85 24.51 -24.13
CA PHE B 378 3.08 23.97 -24.72
C PHE B 378 2.77 22.99 -25.85
N ALA B 379 1.88 22.04 -25.57
CA ALA B 379 1.44 21.04 -26.56
C ALA B 379 1.09 21.64 -27.91
N ASN B 380 0.41 22.78 -27.90
CA ASN B 380 0.03 23.46 -29.12
C ASN B 380 1.19 24.26 -29.74
N ASN B 381 1.89 25.06 -28.94
CA ASN B 381 2.84 26.07 -29.44
C ASN B 381 4.35 25.78 -29.32
N TYR B 382 4.73 24.54 -28.97
CA TYR B 382 6.15 24.16 -28.84
C TYR B 382 6.95 24.39 -30.13
N LYS B 383 6.35 24.10 -31.28
CA LYS B 383 6.95 24.32 -32.60
C LYS B 383 7.42 25.77 -32.85
N LYS B 384 6.66 26.73 -32.33
CA LYS B 384 6.84 28.17 -32.57
C LYS B 384 8.29 28.68 -32.37
N PHE B 385 8.72 28.81 -31.11
CA PHE B 385 10.12 29.07 -30.75
C PHE B 385 10.66 27.74 -30.20
N GLY B 386 11.86 27.31 -30.57
CA GLY B 386 12.57 26.22 -29.84
C GLY B 386 13.29 25.08 -30.55
N ALA B 387 12.67 23.90 -30.74
CA ALA B 387 11.23 23.70 -30.68
C ALA B 387 10.78 22.23 -30.64
N THR B 388 11.29 21.43 -29.69
CA THR B 388 10.92 20.00 -29.57
C THR B 388 10.30 19.68 -28.23
N LEU B 389 9.26 18.86 -28.21
CA LEU B 389 8.53 18.54 -26.98
C LEU B 389 8.51 17.03 -26.72
N GLU B 390 8.64 16.65 -25.44
CA GLU B 390 8.43 15.27 -24.97
C GLU B 390 7.74 15.25 -23.59
N ILE B 391 6.70 14.41 -23.48
CA ILE B 391 5.86 14.29 -22.27
C ILE B 391 6.34 13.13 -21.40
N VAL B 392 6.43 13.38 -20.10
CA VAL B 392 7.02 12.42 -19.15
C VAL B 392 6.14 12.16 -17.93
N THR B 393 6.42 11.04 -17.25
CA THR B 393 5.61 10.51 -16.15
C THR B 393 6.48 10.17 -14.95
N ASP B 394 5.82 9.97 -13.80
CA ASP B 394 6.49 9.68 -12.53
C ASP B 394 6.66 8.17 -12.23
N LYS B 395 5.88 7.33 -12.92
CA LYS B 395 6.00 5.87 -12.81
C LYS B 395 7.47 5.40 -13.00
N SER B 396 8.15 5.93 -14.01
CA SER B 396 9.59 5.69 -14.22
C SER B 396 10.40 6.23 -13.03
N GLN B 397 11.32 5.41 -12.51
CA GLN B 397 12.11 5.79 -11.31
C GLN B 397 13.10 6.94 -11.55
N GLU B 398 13.46 7.19 -12.81
CA GLU B 398 14.18 8.41 -13.19
C GLU B 398 13.22 9.56 -13.44
N GLY B 399 12.06 9.25 -14.01
CA GLY B 399 10.97 10.22 -14.13
C GLY B 399 10.50 10.74 -12.78
N SER B 400 10.45 9.86 -11.77
CA SER B 400 10.12 10.26 -10.40
C SER B 400 11.10 11.32 -9.90
N GLN B 401 12.39 11.06 -10.10
CA GLN B 401 13.45 12.02 -9.78
C GLN B 401 13.22 13.37 -10.48
N PHE B 402 12.95 13.33 -11.78
CA PHE B 402 12.70 14.55 -12.56
C PHE B 402 11.56 15.35 -11.96
N VAL B 403 10.47 14.66 -11.62
CA VAL B 403 9.26 15.29 -11.11
C VAL B 403 9.53 15.95 -9.76
N LYS B 404 9.61 15.17 -8.68
CA LYS B 404 9.66 15.77 -7.33
C LYS B 404 10.93 16.58 -7.05
N GLY B 405 11.96 16.39 -7.86
CA GLY B 405 13.20 17.17 -7.73
C GLY B 405 13.20 18.52 -8.42
N PHE B 406 12.87 18.53 -9.71
CA PHE B 406 12.92 19.75 -10.52
C PHE B 406 11.55 20.37 -10.81
N GLY B 407 10.51 19.91 -10.10
CA GLY B 407 9.15 20.44 -10.27
C GLY B 407 8.45 20.06 -11.57
N GLY B 408 8.99 19.08 -12.28
CA GLY B 408 8.42 18.62 -13.54
C GLY B 408 8.53 19.59 -14.71
N ILE B 409 9.59 20.37 -14.77
CA ILE B 409 9.83 21.24 -15.94
C ILE B 409 11.28 21.65 -16.13
N GLY B 410 11.71 21.62 -17.39
CA GLY B 410 13.10 21.88 -17.78
C GLY B 410 13.35 21.33 -19.17
N GLY B 411 14.61 21.26 -19.60
CA GLY B 411 14.92 20.71 -20.92
C GLY B 411 16.37 20.68 -21.37
N ILE B 412 16.58 20.01 -22.51
CA ILE B 412 17.89 19.90 -23.18
C ILE B 412 18.11 21.17 -24.03
N LEU B 413 19.24 21.84 -23.80
CA LEU B 413 19.62 23.08 -24.50
C LEU B 413 20.77 22.81 -25.48
N ARG B 414 21.18 23.85 -26.21
CA ARG B 414 22.22 23.73 -27.24
C ARG B 414 23.62 24.20 -26.81
N TYR B 415 23.71 24.98 -25.73
CA TYR B 415 24.97 25.62 -25.27
C TYR B 415 24.90 26.20 -23.84
N ARG B 416 26.01 26.77 -23.38
CA ARG B 416 26.13 27.32 -22.02
C ARG B 416 25.26 28.57 -21.77
N VAL B 417 24.46 28.56 -20.71
CA VAL B 417 23.54 29.69 -20.35
C VAL B 417 23.79 30.25 -18.94
N ASP B 418 23.73 31.58 -18.82
CA ASP B 418 24.05 32.30 -17.56
C ASP B 418 22.91 32.28 -16.53
N PHE B 419 21.80 32.95 -16.86
CA PHE B 419 20.71 33.27 -15.94
C PHE B 419 21.13 34.27 -14.84
N GLN B 420 21.93 33.79 -13.87
CA GLN B 420 22.39 34.62 -12.75
C GLN B 420 23.92 34.57 -12.70
#